data_4GIJ
#
_entry.id   4GIJ
#
_cell.length_a   62.102
_cell.length_b   115.403
_cell.length_c   132.017
_cell.angle_alpha   90.00
_cell.angle_beta   90.00
_cell.angle_gamma   90.00
#
_symmetry.space_group_name_H-M   'P 21 21 21'
#
loop_
_entity.id
_entity.type
_entity.pdbx_description
1 polymer "Pseudouridine-5'-phosphate glycosidase"
2 non-polymer 'SULFATE ION'
3 non-polymer 'MANGANESE (II) ION'
4 water water
#
_entity_poly.entity_id   1
_entity_poly.type   'polypeptide(L)'
_entity_poly.pdbx_seq_one_letter_code
;MGSDKIHHHHHHSSGENLYFQGHMSELKISPELLQISPEVQDALKNKKPVVALESTIISHGMPFPQNAQTAIEVEETIRK
QGAVPATIAIIGGVMKVGLSKEEIELLGREGHNVTKVSRRDLPFVVAAGKNGATTVASTMIIAALAGIKVFATGGIGGVH
RGAEHTFDISADLQELANTNVTVVCAGAKSILDLGLTTEYLETFGVPLIGYQTKALPAFFCRTSPFDVSIRLDSASEIAR
AMVVKWQSGLNGGLVVANPIPEQFAMPEHTINAAIDQAVAEAEAQGVIGKESTPFLLARVAELTGGDSLKSNIQLVFNNA
ILASEIAKEYQRLAG
;
_entity_poly.pdbx_strand_id   A,B,C
#
# COMPACT_ATOMS: atom_id res chain seq x y z
N ILE A 29 -22.50 -11.05 -4.77
CA ILE A 29 -22.99 -9.77 -4.24
C ILE A 29 -24.45 -9.53 -4.61
N SER A 30 -25.21 -9.02 -3.65
CA SER A 30 -26.65 -8.83 -3.79
C SER A 30 -27.04 -7.98 -5.00
N PRO A 31 -28.18 -8.31 -5.62
CA PRO A 31 -28.77 -7.53 -6.72
C PRO A 31 -29.21 -6.16 -6.22
N GLU A 32 -29.38 -6.03 -4.90
CA GLU A 32 -29.73 -4.73 -4.34
C GLU A 32 -28.55 -3.76 -4.40
N LEU A 33 -27.33 -4.29 -4.32
CA LEU A 33 -26.09 -3.49 -4.43
C LEU A 33 -25.59 -3.25 -5.87
N LEU A 34 -25.68 -4.29 -6.68
CA LEU A 34 -25.03 -4.29 -7.99
C LEU A 34 -25.95 -4.88 -9.03
N GLN A 35 -26.15 -4.15 -10.13
CA GLN A 35 -26.99 -4.66 -11.19
C GLN A 35 -26.27 -4.52 -12.53
N ILE A 36 -26.31 -5.61 -13.28
CA ILE A 36 -25.68 -5.65 -14.57
C ILE A 36 -26.78 -5.61 -15.63
N SER A 37 -26.63 -4.73 -16.61
CA SER A 37 -27.68 -4.58 -17.62
C SER A 37 -27.83 -5.84 -18.48
N PRO A 38 -29.00 -6.01 -19.09
CA PRO A 38 -29.19 -7.16 -19.97
C PRO A 38 -28.13 -7.26 -21.06
N GLU A 39 -27.79 -6.16 -21.73
CA GLU A 39 -26.79 -6.21 -22.80
C GLU A 39 -25.47 -6.77 -22.25
N VAL A 40 -25.07 -6.27 -21.09
CA VAL A 40 -23.79 -6.70 -20.51
C VAL A 40 -23.87 -8.14 -19.98
N GLN A 41 -24.96 -8.49 -19.30
CA GLN A 41 -25.14 -9.87 -18.84
C GLN A 41 -25.05 -10.84 -20.02
N ASP A 42 -25.74 -10.51 -21.10
CA ASP A 42 -25.69 -11.30 -22.32
C ASP A 42 -24.25 -11.47 -22.78
N ALA A 43 -23.52 -10.34 -22.87
CA ALA A 43 -22.13 -10.40 -23.32
C ALA A 43 -21.26 -11.32 -22.44
N LEU A 44 -21.34 -11.13 -21.12
CA LEU A 44 -20.55 -11.93 -20.21
C LEU A 44 -20.91 -13.41 -20.32
N LYS A 45 -22.20 -13.69 -20.42
CA LYS A 45 -22.69 -15.06 -20.52
C LYS A 45 -22.20 -15.72 -21.81
N ASN A 46 -22.23 -14.97 -22.91
CA ASN A 46 -21.84 -15.49 -24.21
C ASN A 46 -20.36 -15.28 -24.52
N LYS A 47 -19.62 -14.79 -23.53
CA LYS A 47 -18.17 -14.64 -23.67
C LYS A 47 -17.82 -13.66 -24.78
N LYS A 48 -18.59 -12.57 -24.87
CA LYS A 48 -18.29 -11.47 -25.77
C LYS A 48 -17.40 -10.47 -25.03
N PRO A 49 -16.48 -9.83 -25.75
CA PRO A 49 -15.58 -8.86 -25.11
C PRO A 49 -16.33 -7.61 -24.65
N VAL A 50 -16.11 -7.22 -23.40
CA VAL A 50 -16.78 -6.05 -22.80
C VAL A 50 -15.73 -5.00 -22.43
N VAL A 51 -16.05 -3.74 -22.69
CA VAL A 51 -15.19 -2.61 -22.30
C VAL A 51 -15.96 -1.70 -21.35
N ALA A 52 -15.46 -1.53 -20.14
CA ALA A 52 -16.05 -0.59 -19.19
C ALA A 52 -15.74 0.87 -19.53
N LEU A 53 -16.68 1.76 -19.16
CA LEU A 53 -16.52 3.20 -19.29
C LEU A 53 -16.96 3.87 -17.99
N GLU A 54 -16.32 4.97 -17.65
CA GLU A 54 -16.65 5.73 -16.44
C GLU A 54 -17.84 6.68 -16.67
N SER A 55 -18.49 7.10 -15.60
CA SER A 55 -19.53 8.11 -15.69
C SER A 55 -19.11 9.55 -15.35
N THR A 56 -17.94 9.73 -14.76
CA THR A 56 -17.55 11.05 -14.27
C THR A 56 -17.31 12.01 -15.42
N ILE A 57 -16.82 11.47 -16.53
CA ILE A 57 -16.65 12.28 -17.74
C ILE A 57 -18.01 12.76 -18.24
N ILE A 58 -19.06 11.98 -17.97
CA ILE A 58 -20.41 12.34 -18.40
C ILE A 58 -20.98 13.52 -17.61
N SER A 59 -21.03 13.38 -16.29
CA SER A 59 -21.58 14.42 -15.43
C SER A 59 -20.70 15.66 -15.42
N HIS A 60 -19.41 15.44 -15.18
CA HIS A 60 -18.47 16.54 -14.96
C HIS A 60 -17.65 16.94 -16.18
N GLY A 61 -17.91 16.31 -17.33
CA GLY A 61 -17.18 16.63 -18.55
C GLY A 61 -17.56 17.91 -19.27
N MET A 62 -18.86 18.08 -19.53
CA MET A 62 -19.34 19.17 -20.39
C MET A 62 -20.86 19.36 -20.26
N PRO A 63 -21.45 20.34 -20.96
CA PRO A 63 -22.87 20.64 -20.81
C PRO A 63 -23.80 19.64 -21.51
N PHE A 64 -25.04 19.58 -21.03
CA PHE A 64 -26.08 18.74 -21.63
C PHE A 64 -26.76 19.55 -22.73
N PRO A 65 -27.27 18.88 -23.78
CA PRO A 65 -27.26 17.46 -24.15
C PRO A 65 -25.92 16.90 -24.67
N GLN A 66 -24.96 17.76 -24.99
CA GLN A 66 -23.71 17.28 -25.58
C GLN A 66 -23.03 16.18 -24.77
N ASN A 67 -23.03 16.28 -23.44
CA ASN A 67 -22.37 15.26 -22.64
C ASN A 67 -22.97 13.85 -22.86
N ALA A 68 -24.30 13.76 -22.82
CA ALA A 68 -24.95 12.47 -23.02
C ALA A 68 -24.75 11.95 -24.45
N GLN A 69 -24.83 12.86 -25.42
CA GLN A 69 -24.57 12.53 -26.83
C GLN A 69 -23.20 11.90 -26.97
N THR A 70 -22.19 12.52 -26.36
CA THR A 70 -20.83 12.02 -26.47
C THR A 70 -20.71 10.66 -25.79
N ALA A 71 -21.29 10.52 -24.60
CA ALA A 71 -21.24 9.22 -23.91
C ALA A 71 -21.79 8.09 -24.80
N ILE A 72 -22.95 8.34 -25.40
CA ILE A 72 -23.56 7.35 -26.26
C ILE A 72 -22.70 7.08 -27.51
N GLU A 73 -22.08 8.14 -28.03
CA GLU A 73 -21.17 7.98 -29.18
C GLU A 73 -19.96 7.10 -28.84
N VAL A 74 -19.47 7.20 -27.59
CA VAL A 74 -18.36 6.32 -27.16
C VAL A 74 -18.83 4.87 -27.10
N GLU A 75 -20.01 4.65 -26.51
CA GLU A 75 -20.57 3.32 -26.51
C GLU A 75 -20.68 2.74 -27.93
N GLU A 76 -21.16 3.56 -28.86
CA GLU A 76 -21.30 3.15 -30.26
C GLU A 76 -19.97 2.85 -30.94
N THR A 77 -18.93 3.60 -30.58
CA THR A 77 -17.59 3.32 -31.08
C THR A 77 -17.12 1.93 -30.69
N ILE A 78 -17.32 1.61 -29.41
CA ILE A 78 -17.04 0.25 -28.94
C ILE A 78 -17.83 -0.81 -29.72
N ARG A 79 -19.13 -0.60 -29.86
CA ARG A 79 -19.94 -1.57 -30.59
C ARG A 79 -19.44 -1.75 -32.01
N LYS A 80 -19.08 -0.65 -32.66
CA LYS A 80 -18.55 -0.70 -34.02
C LYS A 80 -17.28 -1.52 -34.11
N GLN A 81 -16.52 -1.54 -33.02
CA GLN A 81 -15.29 -2.33 -32.98
C GLN A 81 -15.55 -3.79 -32.65
N GLY A 82 -16.81 -4.13 -32.44
CA GLY A 82 -17.19 -5.51 -32.18
C GLY A 82 -17.03 -5.89 -30.71
N ALA A 83 -16.99 -4.91 -29.83
CA ALA A 83 -17.06 -5.21 -28.40
C ALA A 83 -18.36 -4.65 -27.83
N VAL A 84 -18.61 -4.92 -26.56
CA VAL A 84 -19.84 -4.46 -25.89
C VAL A 84 -19.47 -3.45 -24.79
N PRO A 85 -20.01 -2.21 -24.87
CA PRO A 85 -19.69 -1.20 -23.84
C PRO A 85 -20.45 -1.43 -22.54
N ALA A 86 -19.83 -1.13 -21.41
CA ALA A 86 -20.56 -1.10 -20.16
C ALA A 86 -20.21 0.20 -19.43
N THR A 87 -21.09 1.18 -19.56
CA THR A 87 -20.88 2.43 -18.85
C THR A 87 -21.27 2.13 -17.42
N ILE A 88 -20.45 2.59 -16.48
CA ILE A 88 -20.69 2.29 -15.08
C ILE A 88 -21.04 3.56 -14.31
N ALA A 89 -22.01 3.44 -13.41
CA ALA A 89 -22.35 4.57 -12.54
C ALA A 89 -23.08 4.06 -11.31
N ILE A 90 -23.38 4.95 -10.38
CA ILE A 90 -24.32 4.61 -9.31
C ILE A 90 -25.62 5.36 -9.59
N ILE A 91 -26.71 4.61 -9.68
CA ILE A 91 -28.03 5.18 -9.93
C ILE A 91 -28.98 4.75 -8.83
N GLY A 92 -29.58 5.73 -8.17
CA GLY A 92 -30.53 5.46 -7.09
C GLY A 92 -29.92 4.50 -6.09
N GLY A 93 -28.62 4.66 -5.84
CA GLY A 93 -27.91 3.87 -4.84
C GLY A 93 -27.48 2.48 -5.27
N VAL A 94 -27.63 2.17 -6.55
CA VAL A 94 -27.27 0.87 -7.06
C VAL A 94 -26.07 0.99 -7.98
N MET A 95 -25.07 0.13 -7.80
CA MET A 95 -23.92 0.16 -8.69
C MET A 95 -24.35 -0.51 -9.98
N LYS A 96 -24.34 0.26 -11.07
CA LYS A 96 -24.87 -0.19 -12.33
C LYS A 96 -23.74 -0.39 -13.33
N VAL A 97 -23.73 -1.59 -13.90
CA VAL A 97 -22.77 -1.97 -14.93
C VAL A 97 -23.58 -2.09 -16.21
N GLY A 98 -23.38 -1.10 -17.06
CA GLY A 98 -24.14 -0.92 -18.28
C GLY A 98 -25.32 -0.03 -17.92
N LEU A 99 -25.56 0.98 -18.74
CA LEU A 99 -26.60 1.94 -18.43
C LEU A 99 -27.57 2.02 -19.59
N SER A 100 -28.83 2.37 -19.30
CA SER A 100 -29.79 2.73 -20.34
C SER A 100 -29.48 4.12 -20.91
N LYS A 101 -30.05 4.44 -22.07
CA LYS A 101 -29.99 5.80 -22.62
C LYS A 101 -30.57 6.83 -21.63
N GLU A 102 -31.65 6.43 -20.96
CA GLU A 102 -32.33 7.27 -19.98
C GLU A 102 -31.42 7.64 -18.83
N GLU A 103 -30.67 6.65 -18.34
CA GLU A 103 -29.76 6.86 -17.23
C GLU A 103 -28.57 7.75 -17.59
N ILE A 104 -28.01 7.52 -18.78
CA ILE A 104 -26.93 8.38 -19.23
C ILE A 104 -27.44 9.82 -19.33
N GLU A 105 -28.66 9.98 -19.82
CA GLU A 105 -29.27 11.31 -19.91
C GLU A 105 -29.53 11.92 -18.54
N LEU A 106 -29.93 11.10 -17.58
CA LEU A 106 -30.09 11.52 -16.19
C LEU A 106 -28.77 12.11 -15.66
N LEU A 107 -27.69 11.35 -15.81
CA LEU A 107 -26.39 11.81 -15.34
C LEU A 107 -25.93 13.08 -16.07
N GLY A 108 -26.29 13.16 -17.35
CA GLY A 108 -25.90 14.30 -18.14
C GLY A 108 -26.63 15.57 -17.75
N ARG A 109 -27.92 15.43 -17.46
CA ARG A 109 -28.76 16.55 -17.03
C ARG A 109 -28.35 17.01 -15.64
N GLU A 110 -28.12 16.06 -14.75
CA GLU A 110 -27.80 16.39 -13.38
C GLU A 110 -26.43 17.04 -13.32
N GLY A 111 -25.52 16.61 -14.19
CA GLY A 111 -24.23 17.24 -14.28
C GLY A 111 -23.52 17.29 -12.94
N HIS A 112 -23.19 18.50 -12.49
CA HIS A 112 -22.39 18.67 -11.29
C HIS A 112 -23.16 18.50 -9.98
N ASN A 113 -24.48 18.37 -10.06
CA ASN A 113 -25.25 17.95 -8.89
C ASN A 113 -24.86 16.53 -8.47
N VAL A 114 -24.43 15.73 -9.45
CA VAL A 114 -24.03 14.34 -9.19
C VAL A 114 -22.69 14.24 -8.46
N THR A 115 -22.68 13.53 -7.34
CA THR A 115 -21.46 13.39 -6.56
C THR A 115 -20.42 12.61 -7.34
N LYS A 116 -19.16 13.06 -7.27
CA LYS A 116 -18.04 12.30 -7.82
C LYS A 116 -17.68 11.24 -6.77
N VAL A 117 -17.70 9.97 -7.17
CA VAL A 117 -17.63 8.87 -6.21
C VAL A 117 -16.31 8.13 -6.25
N SER A 118 -15.53 8.26 -5.18
CA SER A 118 -14.27 7.57 -5.02
C SER A 118 -14.51 6.31 -4.19
N ARG A 119 -13.45 5.54 -3.96
CA ARG A 119 -13.53 4.33 -3.13
C ARG A 119 -14.05 4.62 -1.73
N ARG A 120 -13.59 5.71 -1.12
CA ARG A 120 -14.06 6.00 0.23
C ARG A 120 -15.48 6.58 0.26
N ASP A 121 -15.97 7.04 -0.90
CA ASP A 121 -17.34 7.57 -1.03
C ASP A 121 -18.40 6.49 -1.27
N LEU A 122 -17.99 5.42 -1.95
CA LEU A 122 -18.90 4.44 -2.52
C LEU A 122 -19.95 3.85 -1.54
N PRO A 123 -19.51 3.38 -0.36
CA PRO A 123 -20.44 2.82 0.62
C PRO A 123 -21.54 3.80 1.01
N PHE A 124 -21.22 5.09 1.11
CA PHE A 124 -22.20 6.08 1.60
C PHE A 124 -23.21 6.51 0.53
N VAL A 125 -22.76 6.54 -0.72
CA VAL A 125 -23.63 6.90 -1.81
C VAL A 125 -24.59 5.74 -2.05
N VAL A 126 -24.06 4.53 -2.00
CA VAL A 126 -24.92 3.37 -2.13
C VAL A 126 -25.94 3.31 -0.98
N ALA A 127 -25.45 3.44 0.25
CA ALA A 127 -26.34 3.35 1.43
C ALA A 127 -27.45 4.40 1.41
N ALA A 128 -27.16 5.57 0.87
CA ALA A 128 -28.10 6.69 0.92
C ALA A 128 -29.00 6.81 -0.31
N GLY A 129 -28.94 5.82 -1.21
CA GLY A 129 -29.83 5.80 -2.37
C GLY A 129 -29.55 6.89 -3.41
N LYS A 130 -28.30 7.33 -3.51
CA LYS A 130 -27.94 8.52 -4.28
C LYS A 130 -27.40 8.15 -5.67
N ASN A 131 -27.56 9.07 -6.63
CA ASN A 131 -26.86 8.97 -7.91
C ASN A 131 -25.40 9.37 -7.76
N GLY A 132 -24.52 8.81 -8.58
CA GLY A 132 -23.12 9.19 -8.52
C GLY A 132 -22.33 8.83 -9.75
N ALA A 133 -21.32 9.64 -10.04
CA ALA A 133 -20.45 9.43 -11.19
C ALA A 133 -19.15 8.82 -10.69
N THR A 134 -18.76 7.69 -11.28
CA THR A 134 -17.63 6.95 -10.75
C THR A 134 -16.30 7.43 -11.33
N THR A 135 -15.30 7.55 -10.46
CA THR A 135 -13.95 7.93 -10.85
C THR A 135 -13.26 6.75 -11.52
N VAL A 136 -12.03 6.94 -11.96
CA VAL A 136 -11.26 5.81 -12.47
C VAL A 136 -11.19 4.69 -11.42
N ALA A 137 -10.90 5.05 -10.18
CA ALA A 137 -10.82 4.05 -9.11
C ALA A 137 -12.13 3.27 -8.90
N SER A 138 -13.24 4.01 -8.72
CA SER A 138 -14.52 3.34 -8.48
C SER A 138 -15.00 2.54 -9.68
N THR A 139 -14.71 3.06 -10.87
CA THR A 139 -15.04 2.33 -12.10
C THR A 139 -14.28 1.00 -12.17
N MET A 140 -13.00 1.03 -11.82
CA MET A 140 -12.22 -0.22 -11.75
C MET A 140 -12.83 -1.19 -10.75
N ILE A 141 -13.20 -0.67 -9.58
CA ILE A 141 -13.77 -1.55 -8.56
C ILE A 141 -15.02 -2.24 -9.09
N ILE A 142 -15.92 -1.44 -9.66
CA ILE A 142 -17.21 -2.02 -10.05
C ILE A 142 -17.05 -2.97 -11.25
N ALA A 143 -16.23 -2.55 -12.21
CA ALA A 143 -15.90 -3.42 -13.35
C ALA A 143 -15.40 -4.77 -12.84
N ALA A 144 -14.46 -4.75 -11.90
CA ALA A 144 -13.89 -6.00 -11.39
C ALA A 144 -14.95 -6.86 -10.70
N LEU A 145 -15.86 -6.21 -9.98
CA LEU A 145 -16.96 -6.96 -9.36
C LEU A 145 -17.76 -7.69 -10.43
N ALA A 146 -17.82 -7.11 -11.62
CA ALA A 146 -18.61 -7.74 -12.69
C ALA A 146 -17.81 -8.66 -13.61
N GLY A 147 -16.51 -8.83 -13.34
CA GLY A 147 -15.67 -9.70 -14.17
C GLY A 147 -15.18 -9.02 -15.44
N ILE A 148 -15.24 -7.69 -15.48
CA ILE A 148 -14.81 -6.92 -16.65
C ILE A 148 -13.34 -6.52 -16.45
N LYS A 149 -12.50 -6.90 -17.40
CA LYS A 149 -11.05 -6.71 -17.30
C LYS A 149 -10.45 -5.52 -18.07
N VAL A 150 -11.28 -4.82 -18.85
CA VAL A 150 -10.77 -3.73 -19.69
C VAL A 150 -11.67 -2.52 -19.55
N PHE A 151 -11.04 -1.36 -19.34
CA PHE A 151 -11.75 -0.13 -19.00
C PHE A 151 -11.09 0.98 -19.82
N ALA A 152 -11.84 1.67 -20.67
CA ALA A 152 -11.32 2.82 -21.41
C ALA A 152 -11.70 4.13 -20.73
N THR A 153 -10.73 5.01 -20.60
CA THR A 153 -10.97 6.32 -20.00
C THR A 153 -10.19 7.37 -20.78
N GLY A 154 -10.23 8.63 -20.35
CA GLY A 154 -9.35 9.62 -20.96
C GLY A 154 -7.94 9.62 -20.39
N GLY A 155 -7.82 9.96 -19.11
CA GLY A 155 -6.51 9.88 -18.47
C GLY A 155 -6.74 9.45 -17.03
N ILE A 156 -5.73 8.83 -16.45
CA ILE A 156 -5.78 8.39 -15.07
C ILE A 156 -5.42 9.54 -14.15
N GLY A 157 -5.85 9.47 -12.89
CA GLY A 157 -5.35 10.39 -11.90
C GLY A 157 -3.92 10.00 -11.55
N GLY A 158 -3.25 10.83 -10.77
CA GLY A 158 -1.84 10.59 -10.48
C GLY A 158 -1.36 11.38 -9.28
N VAL A 159 -0.05 11.54 -9.20
CA VAL A 159 0.55 12.38 -8.17
C VAL A 159 0.42 13.82 -8.61
N HIS A 160 -0.14 14.66 -7.75
CA HIS A 160 -0.33 16.06 -8.07
C HIS A 160 0.96 16.84 -7.96
N ARG A 161 1.07 17.89 -8.77
CA ARG A 161 2.17 18.81 -8.60
C ARG A 161 2.17 19.32 -7.16
N GLY A 162 3.34 19.31 -6.53
CA GLY A 162 3.48 19.71 -5.14
C GLY A 162 3.21 18.62 -4.14
N ALA A 163 2.93 17.40 -4.62
CA ALA A 163 2.57 16.29 -3.73
C ALA A 163 3.68 15.96 -2.76
N GLU A 164 4.91 16.32 -3.10
CA GLU A 164 6.00 16.06 -2.19
C GLU A 164 5.78 16.80 -0.87
N HIS A 165 5.16 17.97 -0.90
CA HIS A 165 4.73 18.57 0.36
C HIS A 165 3.24 18.46 0.74
N THR A 166 2.35 18.18 -0.23
CA THR A 166 0.91 18.12 0.10
C THR A 166 0.35 16.73 0.32
N PHE A 167 1.11 15.73 -0.09
CA PHE A 167 0.63 14.36 -0.16
C PHE A 167 -0.62 14.20 -1.02
N ASP A 168 -0.83 15.07 -2.00
CA ASP A 168 -2.07 14.92 -2.78
C ASP A 168 -1.77 13.94 -3.92
N ILE A 169 -2.28 12.73 -3.73
CA ILE A 169 -1.99 11.61 -4.59
C ILE A 169 -3.29 10.88 -4.87
N SER A 170 -3.66 10.77 -6.14
CA SER A 170 -4.92 10.17 -6.51
C SER A 170 -5.06 8.73 -6.03
N ALA A 171 -6.22 8.41 -5.48
CA ALA A 171 -6.55 7.05 -5.08
C ALA A 171 -6.58 6.11 -6.28
N ASP A 172 -6.65 6.68 -7.48
CA ASP A 172 -6.50 5.88 -8.70
C ASP A 172 -5.22 5.04 -8.70
N LEU A 173 -4.15 5.60 -8.16
CA LEU A 173 -2.87 4.87 -8.15
C LEU A 173 -2.93 3.64 -7.23
N GLN A 174 -3.61 3.78 -6.09
CA GLN A 174 -3.74 2.64 -5.21
C GLN A 174 -4.68 1.61 -5.81
N GLU A 175 -5.71 2.07 -6.52
CA GLU A 175 -6.62 1.12 -7.13
C GLU A 175 -5.88 0.31 -8.20
N LEU A 176 -4.99 0.96 -8.92
CA LEU A 176 -4.19 0.31 -9.94
C LEU A 176 -3.26 -0.71 -9.29
N ALA A 177 -2.79 -0.39 -8.12
CA ALA A 177 -1.91 -1.28 -7.38
C ALA A 177 -2.61 -2.59 -7.02
N ASN A 178 -3.92 -2.55 -6.85
CA ASN A 178 -4.64 -3.62 -6.20
C ASN A 178 -5.77 -4.34 -6.98
N THR A 179 -6.34 -3.71 -7.98
CA THR A 179 -7.50 -4.20 -8.65
C THR A 179 -7.20 -4.62 -10.07
N ASN A 180 -7.71 -5.79 -10.44
CA ASN A 180 -7.33 -6.45 -11.65
C ASN A 180 -8.06 -5.96 -12.91
N VAL A 181 -7.67 -4.79 -13.40
CA VAL A 181 -8.33 -4.21 -14.56
C VAL A 181 -7.24 -3.49 -15.35
N THR A 182 -7.31 -3.61 -16.68
CA THR A 182 -6.42 -2.86 -17.54
C THR A 182 -7.14 -1.56 -17.90
N VAL A 183 -6.47 -0.45 -17.68
CA VAL A 183 -7.03 0.87 -17.92
C VAL A 183 -6.34 1.50 -19.12
N VAL A 184 -7.12 1.74 -20.17
CA VAL A 184 -6.58 2.32 -21.40
C VAL A 184 -6.83 3.82 -21.37
N CYS A 185 -5.75 4.58 -21.44
CA CYS A 185 -5.79 6.02 -21.20
C CYS A 185 -4.78 6.67 -22.12
N ALA A 186 -4.80 7.99 -22.20
CA ALA A 186 -3.82 8.80 -22.94
C ALA A 186 -2.66 9.18 -22.03
N GLY A 187 -2.40 8.33 -21.04
CA GLY A 187 -1.45 8.61 -20.00
C GLY A 187 -2.22 9.21 -18.82
N ALA A 188 -1.50 9.90 -17.94
CA ALA A 188 -2.13 10.59 -16.82
C ALA A 188 -2.72 11.90 -17.32
N LYS A 189 -3.74 12.38 -16.62
CA LYS A 189 -4.21 13.72 -16.91
C LYS A 189 -2.99 14.65 -16.77
N SER A 190 -2.78 15.56 -17.72
CA SER A 190 -1.47 16.24 -17.80
C SER A 190 -1.28 17.46 -16.89
N ILE A 191 -2.27 17.75 -16.05
CA ILE A 191 -2.11 18.77 -15.02
C ILE A 191 -1.37 18.20 -13.81
N LEU A 192 -0.89 16.97 -13.93
CA LEU A 192 -0.27 16.26 -12.81
C LEU A 192 1.27 16.25 -12.85
N ASP A 193 1.91 15.65 -11.84
CA ASP A 193 3.37 15.52 -11.88
C ASP A 193 3.70 14.14 -12.44
N LEU A 194 4.17 14.11 -13.68
CA LEU A 194 4.32 12.83 -14.38
C LEU A 194 5.51 12.05 -13.85
N GLY A 195 6.58 12.75 -13.48
CA GLY A 195 7.75 12.11 -12.90
C GLY A 195 7.41 11.31 -11.64
N LEU A 196 6.77 11.99 -10.70
CA LEU A 196 6.36 11.38 -9.43
C LEU A 196 5.38 10.25 -9.68
N THR A 197 4.45 10.46 -10.61
CA THR A 197 3.49 9.41 -10.96
C THR A 197 4.17 8.14 -11.48
N THR A 198 5.11 8.28 -12.42
CA THR A 198 5.84 7.10 -12.92
C THR A 198 6.64 6.37 -11.83
N GLU A 199 7.26 7.14 -10.92
CA GLU A 199 8.01 6.51 -9.82
C GLU A 199 7.04 5.75 -8.90
N TYR A 200 5.88 6.35 -8.65
CA TYR A 200 4.88 5.77 -7.77
C TYR A 200 4.38 4.45 -8.38
N LEU A 201 4.05 4.46 -9.67
CA LEU A 201 3.59 3.24 -10.30
C LEU A 201 4.64 2.15 -10.18
N GLU A 202 5.92 2.51 -10.33
CA GLU A 202 6.99 1.51 -10.26
C GLU A 202 7.08 0.90 -8.87
N THR A 203 7.06 1.76 -7.85
CA THR A 203 7.10 1.28 -6.47
C THR A 203 6.00 0.26 -6.18
N PHE A 204 4.82 0.50 -6.72
CA PHE A 204 3.65 -0.33 -6.46
C PHE A 204 3.43 -1.46 -7.48
N GLY A 205 4.41 -1.65 -8.35
CA GLY A 205 4.45 -2.84 -9.19
C GLY A 205 3.46 -2.84 -10.35
N VAL A 206 3.01 -1.66 -10.76
CA VAL A 206 1.98 -1.52 -11.80
C VAL A 206 2.64 -1.32 -13.18
N PRO A 207 2.39 -2.26 -14.12
CA PRO A 207 2.88 -2.06 -15.50
C PRO A 207 2.37 -0.76 -16.12
N LEU A 208 3.25 0.01 -16.74
CA LEU A 208 2.84 1.13 -17.55
C LEU A 208 3.28 0.82 -18.98
N ILE A 209 2.33 0.34 -19.77
CA ILE A 209 2.60 -0.10 -21.13
C ILE A 209 2.40 1.10 -22.07
N GLY A 210 3.41 1.48 -22.85
CA GLY A 210 3.17 2.36 -23.98
C GLY A 210 2.68 1.60 -25.18
N TYR A 211 1.55 2.01 -25.76
CA TYR A 211 1.09 1.34 -26.96
C TYR A 211 1.78 2.02 -28.12
N GLN A 212 2.68 1.26 -28.74
CA GLN A 212 3.52 1.72 -29.83
C GLN A 212 4.26 3.00 -29.46
N THR A 213 4.65 3.12 -28.19
CA THR A 213 5.43 4.28 -27.79
C THR A 213 6.30 3.91 -26.61
N LYS A 214 7.54 4.39 -26.58
CA LYS A 214 8.38 4.34 -25.37
C LYS A 214 8.21 5.58 -24.48
N ALA A 215 8.12 6.75 -25.12
CA ALA A 215 7.81 7.97 -24.37
C ALA A 215 6.40 7.85 -23.82
N LEU A 216 6.21 8.31 -22.59
CA LEU A 216 4.89 8.39 -21.99
C LEU A 216 4.10 9.55 -22.60
N PRO A 217 2.97 9.25 -23.27
CA PRO A 217 2.15 10.35 -23.83
C PRO A 217 1.58 11.19 -22.69
N ALA A 218 1.45 12.49 -22.89
CA ALA A 218 0.82 13.25 -21.84
C ALA A 218 -0.49 13.83 -22.34
N PHE A 219 -1.56 13.04 -22.24
CA PHE A 219 -2.91 13.53 -22.46
C PHE A 219 -3.06 14.23 -23.81
N PHE A 220 -3.11 15.56 -23.80
CA PHE A 220 -3.19 16.31 -25.07
C PHE A 220 -1.98 16.13 -26.00
N CYS A 221 -0.83 15.78 -25.45
CA CYS A 221 0.40 15.69 -26.24
C CYS A 221 0.81 14.24 -26.40
N ARG A 222 1.39 13.90 -27.55
CA ARG A 222 1.76 12.52 -27.82
C ARG A 222 2.98 12.04 -27.04
N THR A 223 3.78 12.98 -26.57
CA THR A 223 5.06 12.65 -25.97
C THR A 223 5.27 13.43 -24.68
N SER A 224 6.31 13.06 -23.93
CA SER A 224 6.76 13.78 -22.75
C SER A 224 8.21 13.38 -22.52
N PRO A 225 8.89 14.02 -21.56
CA PRO A 225 10.24 13.67 -21.10
C PRO A 225 10.35 12.35 -20.33
N PHE A 226 9.23 11.67 -20.10
CA PHE A 226 9.20 10.46 -19.28
C PHE A 226 8.91 9.24 -20.10
N ASP A 227 9.27 8.06 -19.57
CA ASP A 227 9.10 6.79 -20.28
C ASP A 227 8.07 5.90 -19.63
N VAL A 228 7.50 5.00 -20.44
CA VAL A 228 6.65 3.95 -19.93
C VAL A 228 7.55 2.82 -19.41
N SER A 229 6.97 1.81 -18.79
CA SER A 229 7.77 0.68 -18.26
C SER A 229 8.10 -0.30 -19.36
N ILE A 230 7.18 -0.45 -20.34
CA ILE A 230 7.46 -1.30 -21.50
C ILE A 230 6.67 -0.82 -22.70
N ARG A 231 7.29 -0.84 -23.88
CA ARG A 231 6.57 -0.54 -25.10
C ARG A 231 6.02 -1.86 -25.68
N LEU A 232 4.73 -1.88 -26.03
CA LEU A 232 4.15 -3.04 -26.72
C LEU A 232 3.41 -2.56 -27.96
N ASP A 233 3.57 -3.28 -29.07
CA ASP A 233 3.00 -2.80 -30.33
C ASP A 233 1.68 -3.42 -30.75
N SER A 234 1.14 -4.33 -29.95
CA SER A 234 -0.12 -4.97 -30.36
C SER A 234 -1.04 -5.24 -29.18
N ALA A 235 -2.34 -5.19 -29.41
CA ALA A 235 -3.29 -5.55 -28.38
C ALA A 235 -3.12 -7.01 -27.96
N SER A 236 -2.70 -7.85 -28.91
CA SER A 236 -2.50 -9.28 -28.64
C SER A 236 -1.46 -9.50 -27.53
N GLU A 237 -0.36 -8.78 -27.64
CA GLU A 237 0.71 -8.84 -26.63
C GLU A 237 0.23 -8.37 -25.25
N ILE A 238 -0.57 -7.31 -25.26
CA ILE A 238 -1.11 -6.76 -24.02
C ILE A 238 -2.01 -7.79 -23.33
N ALA A 239 -2.91 -8.40 -24.10
CA ALA A 239 -3.79 -9.45 -23.58
C ALA A 239 -3.01 -10.66 -23.01
N ARG A 240 -2.00 -11.11 -23.76
CA ARG A 240 -1.23 -12.27 -23.32
C ARG A 240 -0.54 -11.93 -21.97
N ALA A 241 -0.05 -10.69 -21.85
CA ALA A 241 0.60 -10.27 -20.62
C ALA A 241 -0.38 -10.18 -19.47
N MET A 242 -1.61 -9.73 -19.74
CA MET A 242 -2.67 -9.75 -18.70
C MET A 242 -2.94 -11.16 -18.16
N VAL A 243 -3.15 -12.10 -19.07
CA VAL A 243 -3.37 -13.47 -18.65
C VAL A 243 -2.21 -13.98 -17.81
N VAL A 244 -0.98 -13.76 -18.27
CA VAL A 244 0.19 -14.27 -17.52
C VAL A 244 0.27 -13.60 -16.14
N LYS A 245 0.04 -12.29 -16.12
CA LYS A 245 0.15 -11.55 -14.87
C LYS A 245 -0.82 -12.07 -13.83
N TRP A 246 -2.07 -12.24 -14.22
CA TRP A 246 -3.06 -12.65 -13.23
C TRP A 246 -2.99 -14.14 -12.93
N GLN A 247 -2.60 -14.95 -13.91
CA GLN A 247 -2.44 -16.38 -13.64
C GLN A 247 -1.25 -16.64 -12.71
N SER A 248 -0.32 -15.70 -12.67
CA SER A 248 0.85 -15.81 -11.79
C SER A 248 0.57 -15.22 -10.40
N GLY A 249 -0.67 -14.78 -10.19
CA GLY A 249 -1.09 -14.24 -8.90
C GLY A 249 -0.61 -12.82 -8.63
N LEU A 250 -0.19 -12.08 -9.65
CA LEU A 250 0.28 -10.74 -9.38
C LEU A 250 -0.93 -9.83 -9.51
N ASN A 251 -1.55 -9.56 -8.39
CA ASN A 251 -2.79 -8.81 -8.47
C ASN A 251 -2.48 -7.34 -8.67
N GLY A 252 -3.47 -6.59 -9.13
CA GLY A 252 -3.25 -5.22 -9.57
C GLY A 252 -3.51 -5.04 -11.04
N GLY A 253 -3.64 -3.77 -11.40
CA GLY A 253 -4.07 -3.40 -12.74
C GLY A 253 -2.90 -3.11 -13.65
N LEU A 254 -3.21 -2.65 -14.86
CA LEU A 254 -2.20 -2.32 -15.85
C LEU A 254 -2.61 -1.00 -16.45
N VAL A 255 -1.66 -0.12 -16.70
CA VAL A 255 -2.00 1.13 -17.39
C VAL A 255 -1.54 0.93 -18.83
N VAL A 256 -2.43 1.18 -19.79
CA VAL A 256 -2.03 1.21 -21.20
C VAL A 256 -2.14 2.66 -21.67
N ALA A 257 -0.99 3.27 -21.95
CA ALA A 257 -0.90 4.66 -22.36
C ALA A 257 -0.83 4.71 -23.87
N ASN A 258 -1.87 5.33 -24.43
CA ASN A 258 -2.18 5.36 -25.85
C ASN A 258 -2.15 6.81 -26.34
N PRO A 259 -1.14 7.18 -27.13
CA PRO A 259 -0.97 8.57 -27.58
C PRO A 259 -2.19 9.00 -28.36
N ILE A 260 -2.61 10.24 -28.15
CA ILE A 260 -3.72 10.83 -28.87
C ILE A 260 -3.34 10.86 -30.36
N PRO A 261 -4.31 10.60 -31.25
CA PRO A 261 -4.03 10.66 -32.69
C PRO A 261 -3.37 11.97 -33.09
N GLU A 262 -2.39 11.90 -33.99
CA GLU A 262 -1.67 13.08 -34.44
C GLU A 262 -2.57 14.26 -34.83
N GLN A 263 -3.69 13.99 -35.50
CA GLN A 263 -4.53 15.08 -36.01
C GLN A 263 -5.11 15.90 -34.88
N PHE A 264 -5.29 15.27 -33.71
CA PHE A 264 -5.84 15.95 -32.55
C PHE A 264 -4.84 16.38 -31.49
N ALA A 265 -3.57 16.06 -31.71
CA ALA A 265 -2.55 16.36 -30.72
C ALA A 265 -2.36 17.86 -30.60
N MET A 266 -1.96 18.32 -29.43
CA MET A 266 -1.72 19.74 -29.25
C MET A 266 -0.24 19.94 -29.03
N PRO A 267 0.27 21.08 -29.53
CA PRO A 267 1.69 21.45 -29.41
C PRO A 267 2.11 21.54 -27.95
N GLU A 268 3.23 20.92 -27.62
CA GLU A 268 3.74 20.91 -26.25
C GLU A 268 3.78 22.29 -25.61
N HIS A 269 4.28 23.28 -26.35
CA HIS A 269 4.48 24.61 -25.77
C HIS A 269 3.18 25.32 -25.40
N THR A 270 2.21 25.30 -26.31
CA THR A 270 0.93 25.98 -26.08
C THR A 270 0.19 25.39 -24.90
N ILE A 271 -0.06 24.08 -25.00
CA ILE A 271 -0.74 23.37 -23.93
C ILE A 271 0.00 23.52 -22.60
N ASN A 272 1.33 23.35 -22.63
CA ASN A 272 2.14 23.50 -21.42
C ASN A 272 1.98 24.88 -20.79
N ALA A 273 1.88 25.90 -21.63
CA ALA A 273 1.59 27.24 -21.13
C ALA A 273 0.27 27.25 -20.38
N ALA A 274 -0.81 26.86 -21.05
CA ALA A 274 -2.13 26.87 -20.41
C ALA A 274 -2.14 26.10 -19.08
N ILE A 275 -1.70 24.84 -19.13
CA ILE A 275 -1.63 24.00 -17.94
C ILE A 275 -0.83 24.68 -16.82
N ASP A 276 0.31 25.27 -17.18
CA ASP A 276 1.12 26.01 -16.23
C ASP A 276 0.27 27.06 -15.51
N GLN A 277 -0.38 27.92 -16.30
CA GLN A 277 -1.22 28.98 -15.76
C GLN A 277 -2.27 28.44 -14.79
N ALA A 278 -3.03 27.45 -15.26
CA ALA A 278 -4.08 26.83 -14.47
C ALA A 278 -3.58 26.25 -13.13
N VAL A 279 -2.41 25.61 -13.15
CA VAL A 279 -1.84 25.05 -11.93
C VAL A 279 -1.40 26.15 -10.95
N ALA A 280 -0.61 27.09 -11.44
CA ALA A 280 -0.15 28.22 -10.63
C ALA A 280 -1.32 28.91 -9.95
N GLU A 281 -2.44 29.05 -10.68
CA GLU A 281 -3.63 29.71 -10.13
C GLU A 281 -4.43 28.83 -9.17
N ALA A 282 -4.52 27.53 -9.48
CA ALA A 282 -5.13 26.59 -8.56
C ALA A 282 -4.42 26.65 -7.20
N GLU A 283 -3.11 26.86 -7.26
CA GLU A 283 -2.32 27.08 -6.05
C GLU A 283 -2.62 28.47 -5.47
N ALA A 284 -2.89 29.42 -6.36
CA ALA A 284 -3.26 30.78 -5.93
C ALA A 284 -4.61 30.81 -5.22
N GLN A 285 -5.61 30.17 -5.82
CA GLN A 285 -6.94 30.08 -5.22
C GLN A 285 -6.92 29.07 -4.07
N GLY A 286 -5.95 28.18 -4.10
CA GLY A 286 -5.78 27.19 -3.04
C GLY A 286 -6.80 26.07 -3.07
N VAL A 287 -7.19 25.62 -4.25
CA VAL A 287 -8.10 24.49 -4.33
C VAL A 287 -7.32 23.21 -4.12
N ILE A 288 -7.64 22.50 -3.04
CA ILE A 288 -6.96 21.24 -2.71
C ILE A 288 -7.97 20.19 -2.26
N GLY A 289 -8.06 19.09 -3.00
CA GLY A 289 -9.04 18.06 -2.72
C GLY A 289 -9.43 17.33 -3.98
N LYS A 290 -10.64 16.76 -3.99
CA LYS A 290 -11.19 16.14 -5.19
C LYS A 290 -11.65 17.17 -6.24
N GLU A 291 -11.77 18.44 -5.83
CA GLU A 291 -12.22 19.51 -6.73
C GLU A 291 -11.08 20.02 -7.63
N SER A 292 -9.86 19.54 -7.36
CA SER A 292 -8.65 19.97 -8.05
C SER A 292 -8.65 19.64 -9.55
N THR A 293 -8.90 18.39 -9.89
CA THR A 293 -8.93 17.98 -11.30
C THR A 293 -10.04 18.73 -12.07
N PRO A 294 -11.26 18.73 -11.53
CA PRO A 294 -12.32 19.48 -12.23
C PRO A 294 -11.96 20.95 -12.43
N PHE A 295 -11.47 21.60 -11.37
CA PHE A 295 -11.08 23.01 -11.45
C PHE A 295 -10.01 23.23 -12.51
N LEU A 296 -8.95 22.42 -12.45
CA LEU A 296 -7.86 22.48 -13.41
C LEU A 296 -8.34 22.34 -14.85
N LEU A 297 -8.90 21.17 -15.18
CA LEU A 297 -9.37 20.91 -16.55
C LEU A 297 -10.29 22.02 -17.02
N ALA A 298 -11.07 22.56 -16.08
CA ALA A 298 -11.91 23.73 -16.33
C ALA A 298 -11.09 24.91 -16.82
N ARG A 299 -10.20 25.41 -15.97
CA ARG A 299 -9.40 26.59 -16.30
C ARG A 299 -8.62 26.40 -17.60
N VAL A 300 -7.92 25.27 -17.72
CA VAL A 300 -7.14 24.98 -18.91
C VAL A 300 -8.01 24.97 -20.16
N ALA A 301 -9.19 24.35 -20.04
CA ALA A 301 -10.15 24.35 -21.12
C ALA A 301 -10.44 25.78 -21.52
N GLU A 302 -10.67 26.62 -20.50
CA GLU A 302 -10.96 28.03 -20.70
C GLU A 302 -9.86 28.74 -21.49
N LEU A 303 -8.61 28.47 -21.13
CA LEU A 303 -7.48 29.14 -21.79
C LEU A 303 -7.18 28.55 -23.17
N THR A 304 -7.75 27.37 -23.44
CA THR A 304 -7.44 26.58 -24.64
C THR A 304 -7.90 27.18 -25.99
N GLY A 305 -9.15 27.64 -26.07
CA GLY A 305 -10.10 27.49 -24.98
C GLY A 305 -11.22 26.59 -25.46
N SER A 308 -8.84 21.57 -27.15
CA SER A 308 -8.55 21.11 -25.80
C SER A 308 -9.67 20.17 -25.40
N LEU A 309 -10.89 20.62 -25.63
CA LEU A 309 -12.04 19.83 -25.47
C LEU A 309 -12.19 18.90 -26.63
N LYS A 310 -11.91 19.38 -27.84
CA LYS A 310 -11.94 18.55 -29.03
C LYS A 310 -10.95 17.41 -28.87
N SER A 311 -9.74 17.77 -28.45
CA SER A 311 -8.71 16.77 -28.23
C SER A 311 -9.10 15.76 -27.15
N ASN A 312 -9.74 16.23 -26.09
CA ASN A 312 -10.12 15.32 -25.00
C ASN A 312 -11.11 14.27 -25.49
N ILE A 313 -12.11 14.74 -26.23
CA ILE A 313 -13.12 13.85 -26.77
C ILE A 313 -12.48 12.83 -27.68
N GLN A 314 -11.61 13.31 -28.57
CA GLN A 314 -10.95 12.40 -29.52
C GLN A 314 -10.00 11.39 -28.87
N LEU A 315 -9.26 11.78 -27.83
CA LEU A 315 -8.42 10.78 -27.16
C LEU A 315 -9.30 9.70 -26.49
N VAL A 316 -10.47 10.10 -25.99
CA VAL A 316 -11.38 9.09 -25.43
C VAL A 316 -11.84 8.10 -26.50
N PHE A 317 -12.26 8.60 -27.66
CA PHE A 317 -12.63 7.68 -28.75
C PHE A 317 -11.47 6.74 -29.11
N ASN A 318 -10.28 7.31 -29.26
CA ASN A 318 -9.10 6.51 -29.57
C ASN A 318 -8.84 5.39 -28.55
N ASN A 319 -9.00 5.75 -27.27
CA ASN A 319 -8.82 4.77 -26.22
C ASN A 319 -9.88 3.69 -26.23
N ALA A 320 -11.12 4.07 -26.54
CA ALA A 320 -12.22 3.11 -26.64
C ALA A 320 -11.95 2.10 -27.76
N ILE A 321 -11.39 2.56 -28.87
CA ILE A 321 -11.02 1.65 -29.95
C ILE A 321 -9.91 0.65 -29.55
N LEU A 322 -8.80 1.19 -29.02
CA LEU A 322 -7.75 0.27 -28.53
C LEU A 322 -8.28 -0.70 -27.44
N ALA A 323 -9.04 -0.17 -26.48
CA ALA A 323 -9.60 -1.00 -25.42
C ALA A 323 -10.43 -2.12 -26.02
N SER A 324 -11.22 -1.80 -27.04
CA SER A 324 -12.07 -2.84 -27.66
C SER A 324 -11.16 -3.95 -28.23
N GLU A 325 -10.05 -3.56 -28.84
CA GLU A 325 -9.15 -4.59 -29.38
C GLU A 325 -8.50 -5.44 -28.28
N ILE A 326 -8.05 -4.79 -27.20
CA ILE A 326 -7.49 -5.50 -26.07
C ILE A 326 -8.52 -6.45 -25.46
N ALA A 327 -9.75 -6.00 -25.28
CA ALA A 327 -10.82 -6.85 -24.76
C ALA A 327 -11.09 -8.07 -25.67
N LYS A 328 -11.13 -7.85 -26.98
CA LYS A 328 -11.28 -8.96 -27.92
C LYS A 328 -10.14 -10.00 -27.77
N GLU A 329 -8.90 -9.51 -27.69
CA GLU A 329 -7.76 -10.43 -27.62
C GLU A 329 -7.73 -11.19 -26.28
N TYR A 330 -8.11 -10.46 -25.23
CA TYR A 330 -8.12 -11.04 -23.90
C TYR A 330 -9.21 -12.09 -23.78
N GLN A 331 -10.43 -11.74 -24.18
CA GLN A 331 -11.52 -12.69 -24.16
C GLN A 331 -11.18 -13.94 -24.96
N ARG A 332 -10.51 -13.73 -26.09
CA ARG A 332 -10.07 -14.83 -26.92
C ARG A 332 -9.25 -15.81 -26.10
N LEU A 333 -8.38 -15.29 -25.24
CA LEU A 333 -7.60 -16.20 -24.39
C LEU A 333 -8.31 -16.74 -23.14
N ALA A 334 -9.34 -16.06 -22.67
CA ALA A 334 -9.83 -16.30 -21.30
C ALA A 334 -11.06 -17.21 -21.21
N LYS B 28 -1.83 -23.41 -7.79
CA LYS B 28 -1.82 -24.39 -8.89
C LYS B 28 -1.57 -23.69 -10.22
N ILE B 29 -0.38 -23.15 -10.38
CA ILE B 29 0.00 -22.42 -11.59
C ILE B 29 0.51 -23.35 -12.69
N SER B 30 0.18 -23.01 -13.94
CA SER B 30 0.54 -23.83 -15.10
C SER B 30 2.05 -24.11 -15.15
N PRO B 31 2.42 -25.36 -15.51
CA PRO B 31 3.85 -25.68 -15.65
C PRO B 31 4.47 -24.90 -16.81
N GLU B 32 3.65 -24.35 -17.70
CA GLU B 32 4.16 -23.46 -18.75
C GLU B 32 4.77 -22.17 -18.18
N LEU B 33 4.24 -21.70 -17.06
CA LEU B 33 4.71 -20.47 -16.39
C LEU B 33 5.83 -20.67 -15.35
N LEU B 34 5.71 -21.75 -14.60
CA LEU B 34 6.54 -21.97 -13.42
C LEU B 34 7.01 -23.41 -13.41
N GLN B 35 8.32 -23.59 -13.28
CA GLN B 35 8.90 -24.93 -13.11
C GLN B 35 9.91 -25.00 -11.98
N ILE B 36 9.65 -25.93 -11.07
CA ILE B 36 10.54 -26.17 -9.93
C ILE B 36 11.39 -27.39 -10.23
N SER B 37 12.69 -27.29 -10.00
CA SER B 37 13.62 -28.37 -10.33
C SER B 37 13.29 -29.65 -9.58
N PRO B 38 13.74 -30.80 -10.10
CA PRO B 38 13.44 -32.05 -9.41
C PRO B 38 13.99 -32.04 -7.99
N GLU B 39 15.24 -31.62 -7.85
CA GLU B 39 15.84 -31.59 -6.52
C GLU B 39 15.01 -30.73 -5.57
N VAL B 40 14.61 -29.54 -6.03
CA VAL B 40 13.90 -28.62 -5.16
C VAL B 40 12.52 -29.13 -4.77
N GLN B 41 11.77 -29.65 -5.76
CA GLN B 41 10.50 -30.33 -5.44
C GLN B 41 10.72 -31.42 -4.39
N ASP B 42 11.72 -32.26 -4.64
CA ASP B 42 12.08 -33.35 -3.72
C ASP B 42 12.30 -32.82 -2.30
N ALA B 43 13.11 -31.76 -2.21
CA ALA B 43 13.48 -31.18 -0.93
C ALA B 43 12.25 -30.62 -0.21
N LEU B 44 11.40 -29.90 -0.94
CA LEU B 44 10.20 -29.32 -0.34
C LEU B 44 9.22 -30.40 0.13
N LYS B 45 9.06 -31.44 -0.66
CA LYS B 45 8.20 -32.55 -0.29
C LYS B 45 8.69 -33.17 1.02
N ASN B 46 10.00 -33.39 1.10
CA ASN B 46 10.60 -34.06 2.25
C ASN B 46 10.88 -33.11 3.43
N LYS B 47 10.48 -31.86 3.27
CA LYS B 47 10.62 -30.86 4.32
C LYS B 47 12.08 -30.53 4.62
N LYS B 48 12.93 -30.63 3.61
CA LYS B 48 14.32 -30.22 3.72
C LYS B 48 14.42 -28.70 3.59
N PRO B 49 15.40 -28.10 4.27
CA PRO B 49 15.58 -26.64 4.20
C PRO B 49 16.07 -26.21 2.81
N VAL B 50 15.38 -25.21 2.26
CA VAL B 50 15.71 -24.68 0.96
C VAL B 50 15.97 -23.18 1.10
N VAL B 51 17.01 -22.69 0.44
CA VAL B 51 17.31 -21.26 0.45
C VAL B 51 17.26 -20.73 -0.98
N ALA B 52 16.39 -19.76 -1.24
CA ALA B 52 16.29 -19.18 -2.58
C ALA B 52 17.41 -18.17 -2.81
N LEU B 53 17.80 -18.02 -4.07
CA LEU B 53 18.79 -17.03 -4.47
C LEU B 53 18.29 -16.25 -5.68
N GLU B 54 18.57 -14.96 -5.73
CA GLU B 54 18.21 -14.11 -6.87
C GLU B 54 19.22 -14.27 -8.00
N SER B 55 18.81 -13.88 -9.22
CA SER B 55 19.71 -13.86 -10.36
C SER B 55 20.24 -12.48 -10.83
N THR B 56 19.75 -11.39 -10.25
CA THR B 56 20.21 -10.07 -10.72
C THR B 56 21.65 -9.82 -10.28
N ILE B 57 22.14 -10.72 -9.43
CA ILE B 57 23.55 -10.74 -9.02
C ILE B 57 24.41 -11.40 -10.09
N ILE B 58 23.88 -12.43 -10.74
CA ILE B 58 24.64 -13.17 -11.77
C ILE B 58 24.73 -12.35 -13.05
N SER B 59 23.61 -11.77 -13.49
CA SER B 59 23.66 -10.75 -14.53
C SER B 59 24.05 -9.46 -13.83
N HIS B 60 24.25 -8.40 -14.60
CA HIS B 60 24.65 -7.12 -14.04
C HIS B 60 26.12 -7.10 -13.62
N PHE B 64 31.28 -12.56 -16.88
CA PHE B 64 31.53 -13.98 -17.12
C PHE B 64 33.00 -14.24 -17.40
N PRO B 65 33.44 -15.46 -17.11
CA PRO B 65 32.56 -16.49 -16.55
C PRO B 65 32.72 -16.62 -15.04
N GLN B 66 33.03 -15.47 -14.44
CA GLN B 66 33.06 -15.28 -12.98
C GLN B 66 31.68 -15.31 -12.32
N ASN B 67 30.74 -14.56 -12.87
CA ASN B 67 29.43 -14.47 -12.24
C ASN B 67 28.83 -15.85 -12.04
N ALA B 68 28.98 -16.71 -13.05
CA ALA B 68 28.48 -18.08 -12.99
C ALA B 68 29.17 -18.90 -11.91
N GLN B 69 30.48 -19.02 -11.99
CA GLN B 69 31.23 -19.78 -11.00
C GLN B 69 30.81 -19.36 -9.59
N THR B 70 30.79 -18.05 -9.35
CA THR B 70 30.40 -17.49 -8.07
C THR B 70 28.97 -17.88 -7.62
N ALA B 71 28.01 -17.82 -8.54
CA ALA B 71 26.65 -18.23 -8.21
C ALA B 71 26.62 -19.69 -7.78
N ILE B 72 27.37 -20.52 -8.53
CA ILE B 72 27.48 -21.95 -8.26
C ILE B 72 28.12 -22.26 -6.91
N GLU B 73 29.04 -21.41 -6.47
CA GLU B 73 29.66 -21.64 -5.16
C GLU B 73 28.92 -21.00 -3.98
N VAL B 74 28.03 -20.04 -4.28
CA VAL B 74 27.07 -19.61 -3.27
C VAL B 74 26.17 -20.82 -3.04
N GLU B 75 25.78 -21.47 -4.13
CA GLU B 75 24.94 -22.66 -4.02
C GLU B 75 25.66 -23.75 -3.23
N GLU B 76 26.93 -23.95 -3.52
CA GLU B 76 27.67 -25.00 -2.83
C GLU B 76 27.94 -24.64 -1.36
N THR B 77 27.98 -23.34 -1.07
CA THR B 77 28.09 -22.86 0.31
C THR B 77 26.84 -23.27 1.10
N ILE B 78 25.68 -23.04 0.49
CA ILE B 78 24.41 -23.48 1.07
C ILE B 78 24.39 -24.99 1.27
N ARG B 79 24.88 -25.73 0.30
CA ARG B 79 24.90 -27.19 0.45
C ARG B 79 25.80 -27.62 1.60
N LYS B 80 26.95 -26.97 1.74
CA LYS B 80 27.86 -27.29 2.84
C LYS B 80 27.30 -26.91 4.21
N GLN B 81 26.31 -26.00 4.21
CA GLN B 81 25.58 -25.68 5.43
C GLN B 81 24.37 -26.60 5.66
N GLY B 82 24.23 -27.64 4.85
CA GLY B 82 23.18 -28.62 5.03
C GLY B 82 21.80 -28.21 4.52
N ALA B 83 21.77 -27.28 3.58
CA ALA B 83 20.51 -26.86 2.99
C ALA B 83 20.58 -27.07 1.48
N VAL B 84 19.48 -26.77 0.80
CA VAL B 84 19.39 -26.98 -0.65
C VAL B 84 19.22 -25.63 -1.30
N PRO B 85 20.17 -25.25 -2.18
CA PRO B 85 19.95 -23.94 -2.83
C PRO B 85 18.92 -23.99 -3.95
N ALA B 86 18.15 -22.91 -4.12
CA ALA B 86 17.32 -22.77 -5.29
C ALA B 86 17.51 -21.38 -5.90
N THR B 87 18.29 -21.31 -6.96
CA THR B 87 18.46 -20.04 -7.66
C THR B 87 17.25 -19.90 -8.57
N ILE B 88 16.73 -18.68 -8.63
CA ILE B 88 15.50 -18.37 -9.35
C ILE B 88 15.82 -17.43 -10.48
N ALA B 89 15.22 -17.68 -11.64
CA ALA B 89 15.36 -16.74 -12.75
C ALA B 89 14.27 -17.05 -13.73
N ILE B 90 14.19 -16.26 -14.78
CA ILE B 90 13.31 -16.59 -15.87
C ILE B 90 14.15 -17.07 -17.05
N ILE B 91 13.91 -18.30 -17.48
CA ILE B 91 14.63 -18.89 -18.60
C ILE B 91 13.67 -19.21 -19.72
N GLY B 92 13.87 -18.58 -20.87
CA GLY B 92 13.01 -18.79 -22.02
C GLY B 92 11.54 -18.58 -21.71
N GLY B 93 11.25 -17.57 -20.90
CA GLY B 93 9.87 -17.28 -20.57
C GLY B 93 9.31 -18.09 -19.40
N VAL B 94 10.12 -18.99 -18.85
CA VAL B 94 9.61 -19.79 -17.74
C VAL B 94 10.22 -19.34 -16.41
N MET B 95 9.37 -19.15 -15.40
CA MET B 95 9.90 -18.83 -14.09
C MET B 95 10.44 -20.14 -13.54
N LYS B 96 11.74 -20.19 -13.32
CA LYS B 96 12.39 -21.40 -12.86
C LYS B 96 12.95 -21.26 -11.46
N VAL B 97 12.64 -22.27 -10.64
CA VAL B 97 13.13 -22.35 -9.27
C VAL B 97 14.10 -23.51 -9.22
N GLY B 98 15.38 -23.15 -9.13
CA GLY B 98 16.48 -24.09 -9.18
C GLY B 98 16.84 -24.19 -10.65
N LEU B 99 18.11 -24.05 -10.91
CA LEU B 99 18.59 -23.81 -12.25
C LEU B 99 19.67 -24.84 -12.46
N SER B 100 19.77 -25.38 -13.68
CA SER B 100 20.89 -26.22 -14.05
C SER B 100 22.13 -25.33 -14.12
N LYS B 101 23.31 -25.94 -14.11
CA LYS B 101 24.55 -25.19 -14.27
C LYS B 101 24.58 -24.53 -15.64
N GLU B 102 23.88 -25.15 -16.60
CA GLU B 102 23.82 -24.66 -17.98
C GLU B 102 22.97 -23.39 -18.09
N GLU B 103 21.87 -23.33 -17.35
CA GLU B 103 21.02 -22.14 -17.31
C GLU B 103 21.77 -21.02 -16.59
N ILE B 104 22.42 -21.37 -15.49
CA ILE B 104 23.26 -20.42 -14.76
C ILE B 104 24.26 -19.79 -15.70
N GLU B 105 24.96 -20.66 -16.42
CA GLU B 105 25.94 -20.24 -17.40
C GLU B 105 25.26 -19.28 -18.36
N LEU B 106 24.13 -19.73 -18.92
CA LEU B 106 23.39 -18.95 -19.91
C LEU B 106 23.17 -17.52 -19.47
N LEU B 107 22.68 -17.32 -18.24
CA LEU B 107 22.46 -15.98 -17.70
C LEU B 107 23.79 -15.24 -17.55
N GLY B 108 24.82 -15.98 -17.15
CA GLY B 108 26.14 -15.42 -16.98
C GLY B 108 26.71 -14.81 -18.25
N ARG B 109 26.70 -15.58 -19.33
CA ARG B 109 27.25 -15.13 -20.62
C ARG B 109 26.33 -14.16 -21.38
N GLU B 110 25.02 -14.41 -21.36
CA GLU B 110 24.10 -13.44 -21.93
C GLU B 110 24.31 -12.10 -21.24
N GLY B 111 24.67 -12.15 -19.96
CA GLY B 111 25.12 -10.97 -19.25
C GLY B 111 24.20 -9.77 -19.20
N HIS B 112 24.72 -8.62 -19.63
CA HIS B 112 23.99 -7.36 -19.52
C HIS B 112 22.83 -7.29 -20.51
N ASN B 113 22.77 -8.27 -21.41
CA ASN B 113 21.64 -8.40 -22.33
C ASN B 113 20.40 -8.95 -21.63
N VAL B 114 20.56 -9.40 -20.38
CA VAL B 114 19.43 -9.96 -19.63
C VAL B 114 18.63 -8.85 -18.97
N THR B 115 17.31 -8.89 -19.14
CA THR B 115 16.43 -7.90 -18.50
C THR B 115 16.50 -8.00 -16.99
N LYS B 116 16.57 -6.86 -16.30
CA LYS B 116 16.42 -6.81 -14.86
C LYS B 116 14.92 -6.85 -14.58
N VAL B 117 14.45 -7.88 -13.86
CA VAL B 117 13.01 -8.14 -13.78
C VAL B 117 12.41 -7.81 -12.41
N SER B 118 11.59 -6.77 -12.34
CA SER B 118 10.89 -6.49 -11.10
C SER B 118 9.48 -7.01 -11.29
N ARG B 119 8.65 -6.76 -10.30
CA ARG B 119 7.24 -7.17 -10.32
C ARG B 119 6.48 -6.71 -11.56
N ARG B 120 6.70 -5.46 -11.99
CA ARG B 120 6.00 -4.95 -13.16
C ARG B 120 6.57 -5.46 -14.49
N ASP B 121 7.82 -5.92 -14.50
CA ASP B 121 8.39 -6.54 -15.69
C ASP B 121 8.01 -8.01 -15.86
N LEU B 122 7.80 -8.69 -14.75
CA LEU B 122 7.66 -10.15 -14.77
C LEU B 122 6.67 -10.73 -15.79
N PRO B 123 5.45 -10.19 -15.88
CA PRO B 123 4.52 -10.78 -16.87
C PRO B 123 5.01 -10.70 -18.31
N PHE B 124 5.74 -9.64 -18.64
CA PHE B 124 6.11 -9.37 -20.04
C PHE B 124 7.27 -10.24 -20.50
N VAL B 125 8.18 -10.54 -19.58
CA VAL B 125 9.31 -11.38 -19.91
C VAL B 125 8.81 -12.81 -20.06
N VAL B 126 7.92 -13.23 -19.17
CA VAL B 126 7.33 -14.56 -19.26
C VAL B 126 6.51 -14.68 -20.53
N ALA B 127 5.63 -13.72 -20.78
CA ALA B 127 4.79 -13.72 -21.98
C ALA B 127 5.61 -13.79 -23.27
N ALA B 128 6.76 -13.13 -23.27
CA ALA B 128 7.53 -12.96 -24.50
C ALA B 128 8.53 -14.09 -24.73
N GLY B 129 8.67 -14.96 -23.73
CA GLY B 129 9.56 -16.10 -23.83
C GLY B 129 11.03 -15.75 -23.68
N LYS B 130 11.32 -14.72 -22.89
CA LYS B 130 12.67 -14.24 -22.80
C LYS B 130 13.32 -14.71 -21.50
N ASN B 131 14.60 -14.39 -21.37
CA ASN B 131 15.34 -14.67 -20.16
C ASN B 131 15.31 -13.42 -19.30
N GLY B 132 15.28 -13.59 -17.98
CA GLY B 132 15.34 -12.42 -17.14
C GLY B 132 15.98 -12.73 -15.80
N ALA B 133 16.60 -11.72 -15.21
CA ALA B 133 17.27 -11.87 -13.93
C ALA B 133 16.43 -11.18 -12.89
N THR B 134 16.13 -11.88 -11.81
CA THR B 134 15.16 -11.41 -10.83
C THR B 134 15.72 -10.55 -9.71
N THR B 135 15.02 -9.48 -9.40
CA THR B 135 15.39 -8.59 -8.32
C THR B 135 14.99 -9.24 -7.00
N VAL B 136 15.24 -8.54 -5.91
CA VAL B 136 14.74 -8.99 -4.64
C VAL B 136 13.22 -9.19 -4.74
N ALA B 137 12.49 -8.20 -5.27
CA ALA B 137 11.03 -8.32 -5.33
C ALA B 137 10.53 -9.55 -6.12
N SER B 138 11.02 -9.75 -7.33
CA SER B 138 10.46 -10.82 -8.14
C SER B 138 10.96 -12.20 -7.66
N THR B 139 12.13 -12.22 -7.02
CA THR B 139 12.66 -13.46 -6.45
C THR B 139 11.76 -13.82 -5.27
N MET B 140 11.37 -12.83 -4.46
CA MET B 140 10.40 -13.11 -3.40
C MET B 140 9.09 -13.65 -3.96
N ILE B 141 8.58 -13.01 -5.01
CA ILE B 141 7.34 -13.47 -5.64
C ILE B 141 7.39 -14.95 -6.03
N ILE B 142 8.46 -15.31 -6.74
CA ILE B 142 8.60 -16.68 -7.25
C ILE B 142 8.90 -17.69 -6.12
N ALA B 143 9.75 -17.31 -5.18
CA ALA B 143 9.99 -18.14 -4.01
C ALA B 143 8.65 -18.45 -3.34
N ALA B 144 7.81 -17.44 -3.15
CA ALA B 144 6.54 -17.65 -2.48
C ALA B 144 5.60 -18.53 -3.30
N LEU B 145 5.60 -18.40 -4.63
CA LEU B 145 4.85 -19.34 -5.46
C LEU B 145 5.30 -20.79 -5.24
N ALA B 146 6.59 -20.99 -5.01
CA ALA B 146 7.16 -22.32 -4.80
C ALA B 146 7.08 -22.81 -3.36
N GLY B 147 6.61 -21.96 -2.45
CA GLY B 147 6.56 -22.31 -1.05
C GLY B 147 7.89 -22.22 -0.30
N ILE B 148 8.82 -21.43 -0.84
CA ILE B 148 10.12 -21.21 -0.17
C ILE B 148 10.09 -19.96 0.73
N LYS B 149 10.37 -20.14 2.02
CA LYS B 149 10.26 -19.03 2.95
C LYS B 149 11.54 -18.24 3.21
N VAL B 150 12.68 -18.76 2.77
CA VAL B 150 13.94 -18.10 3.09
C VAL B 150 14.72 -17.82 1.83
N PHE B 151 15.23 -16.59 1.74
CA PHE B 151 15.84 -16.07 0.53
C PHE B 151 17.10 -15.32 0.97
N ALA B 152 18.26 -15.73 0.47
CA ALA B 152 19.51 -15.03 0.76
C ALA B 152 19.89 -14.08 -0.38
N THR B 153 20.27 -12.85 -0.03
CA THR B 153 20.73 -11.87 -1.01
C THR B 153 21.88 -11.03 -0.47
N GLY B 154 22.37 -10.07 -1.27
CA GLY B 154 23.35 -9.12 -0.74
C GLY B 154 22.76 -8.02 0.12
N GLY B 155 21.96 -7.17 -0.51
CA GLY B 155 21.31 -6.10 0.25
C GLY B 155 20.01 -5.83 -0.44
N ILE B 156 19.01 -5.39 0.31
CA ILE B 156 17.72 -5.05 -0.28
C ILE B 156 17.76 -3.64 -0.87
N GLY B 157 16.85 -3.40 -1.82
CA GLY B 157 16.56 -2.04 -2.26
C GLY B 157 15.83 -1.31 -1.16
N GLY B 158 15.55 -0.03 -1.38
CA GLY B 158 14.95 0.80 -0.36
C GLY B 158 14.65 2.19 -0.88
N VAL B 159 14.55 3.13 0.04
CA VAL B 159 14.31 4.51 -0.30
C VAL B 159 15.61 5.16 -0.75
N HIS B 160 15.59 5.69 -1.96
CA HIS B 160 16.77 6.35 -2.52
C HIS B 160 17.00 7.72 -1.92
N ARG B 161 18.25 8.13 -1.81
CA ARG B 161 18.53 9.49 -1.36
C ARG B 161 17.84 10.45 -2.32
N GLY B 162 17.22 11.49 -1.75
CA GLY B 162 16.47 12.46 -2.53
C GLY B 162 15.01 12.07 -2.76
N ALA B 163 14.62 10.90 -2.26
CA ALA B 163 13.27 10.40 -2.56
C ALA B 163 12.17 11.28 -1.98
N GLU B 164 12.52 12.11 -1.00
CA GLU B 164 11.54 13.06 -0.51
C GLU B 164 11.05 13.97 -1.63
N HIS B 165 11.91 14.36 -2.57
CA HIS B 165 11.43 15.04 -3.78
C HIS B 165 11.31 14.22 -5.08
N THR B 166 11.93 13.04 -5.16
CA THR B 166 11.82 12.22 -6.38
C THR B 166 10.81 11.07 -6.33
N PHE B 167 10.38 10.74 -5.12
CA PHE B 167 9.59 9.53 -4.90
C PHE B 167 10.27 8.23 -5.38
N ASP B 168 11.60 8.16 -5.45
CA ASP B 168 12.21 6.94 -5.96
C ASP B 168 12.36 5.99 -4.77
N ILE B 169 11.48 5.00 -4.77
CA ILE B 169 11.36 4.04 -3.67
C ILE B 169 11.30 2.65 -4.28
N SER B 170 12.23 1.79 -3.90
CA SER B 170 12.25 0.43 -4.44
C SER B 170 10.98 -0.37 -4.20
N ALA B 171 10.49 -1.00 -5.26
CA ALA B 171 9.40 -1.97 -5.18
C ALA B 171 9.71 -3.08 -4.21
N ASP B 172 11.01 -3.30 -3.93
CA ASP B 172 11.38 -4.29 -2.92
C ASP B 172 10.63 -4.05 -1.61
N LEU B 173 10.45 -2.79 -1.24
CA LEU B 173 9.83 -2.49 0.07
C LEU B 173 8.35 -2.86 0.07
N GLN B 174 7.66 -2.65 -1.05
CA GLN B 174 6.28 -3.12 -1.15
C GLN B 174 6.16 -4.65 -1.20
N GLU B 175 7.12 -5.30 -1.86
CA GLU B 175 7.12 -6.77 -1.84
C GLU B 175 7.29 -7.28 -0.41
N LEU B 176 8.16 -6.65 0.35
CA LEU B 176 8.32 -6.98 1.74
C LEU B 176 7.05 -6.70 2.54
N ALA B 177 6.35 -5.64 2.19
CA ALA B 177 5.11 -5.36 2.83
C ALA B 177 4.07 -6.48 2.64
N ASN B 178 4.13 -7.20 1.53
CA ASN B 178 3.03 -8.05 1.11
C ASN B 178 3.29 -9.56 0.93
N THR B 179 4.54 -9.95 0.72
CA THR B 179 4.90 -11.29 0.40
C THR B 179 5.67 -12.04 1.51
N ASN B 180 5.24 -13.25 1.75
CA ASN B 180 5.67 -14.02 2.93
C ASN B 180 7.01 -14.70 2.77
N VAL B 181 8.07 -13.94 2.81
CA VAL B 181 9.40 -14.50 2.60
C VAL B 181 10.34 -13.75 3.53
N THR B 182 11.25 -14.48 4.16
CA THR B 182 12.31 -13.88 4.95
C THR B 182 13.50 -13.63 4.03
N VAL B 183 13.94 -12.38 4.00
CA VAL B 183 15.07 -12.00 3.17
C VAL B 183 16.28 -11.69 4.05
N VAL B 184 17.34 -12.47 3.88
CA VAL B 184 18.55 -12.33 4.67
C VAL B 184 19.53 -11.53 3.84
N CYS B 185 19.92 -10.37 4.36
CA CYS B 185 20.70 -9.41 3.60
C CYS B 185 21.65 -8.73 4.58
N ALA B 186 22.51 -7.87 4.06
CA ALA B 186 23.43 -7.06 4.85
C ALA B 186 22.78 -5.72 5.20
N GLY B 187 21.46 -5.71 5.22
CA GLY B 187 20.70 -4.50 5.50
C GLY B 187 20.28 -4.01 4.14
N ALA B 188 19.78 -2.79 4.04
CA ALA B 188 19.58 -2.21 2.72
C ALA B 188 20.92 -1.76 2.16
N LYS B 189 21.02 -1.75 0.84
CA LYS B 189 22.23 -1.24 0.17
C LYS B 189 22.52 0.17 0.67
N SER B 190 23.78 0.43 0.97
CA SER B 190 24.16 1.66 1.68
C SER B 190 24.26 2.88 0.77
N ILE B 191 23.99 2.66 -0.51
CA ILE B 191 23.86 3.75 -1.47
C ILE B 191 22.52 4.50 -1.31
N LEU B 192 21.63 3.92 -0.51
CA LEU B 192 20.27 4.44 -0.32
C LEU B 192 20.14 5.41 0.87
N ASP B 193 18.92 5.85 1.16
CA ASP B 193 18.72 6.66 2.36
C ASP B 193 18.20 5.72 3.44
N LEU B 194 19.07 5.40 4.39
CA LEU B 194 18.76 4.33 5.34
C LEU B 194 17.71 4.74 6.37
N GLY B 195 17.72 6.01 6.78
CA GLY B 195 16.74 6.53 7.71
C GLY B 195 15.33 6.42 7.18
N LEU B 196 15.13 6.96 5.97
CA LEU B 196 13.83 6.93 5.32
C LEU B 196 13.39 5.50 5.07
N THR B 197 14.35 4.64 4.73
CA THR B 197 14.04 3.23 4.52
C THR B 197 13.50 2.58 5.81
N THR B 198 14.13 2.86 6.95
CA THR B 198 13.62 2.32 8.22
C THR B 198 12.22 2.87 8.58
N GLU B 199 12.00 4.16 8.34
CA GLU B 199 10.64 4.71 8.55
C GLU B 199 9.62 3.98 7.67
N TYR B 200 9.97 3.77 6.40
CA TYR B 200 9.07 3.15 5.44
C TYR B 200 8.74 1.71 5.85
N LEU B 201 9.77 0.95 6.19
CA LEU B 201 9.55 -0.39 6.73
C LEU B 201 8.60 -0.37 7.92
N GLU B 202 8.77 0.62 8.81
CA GLU B 202 7.90 0.68 9.99
C GLU B 202 6.42 0.96 9.62
N THR B 203 6.21 1.92 8.72
CA THR B 203 4.85 2.29 8.32
C THR B 203 4.11 1.07 7.75
N PHE B 204 4.84 0.26 7.01
CA PHE B 204 4.27 -0.89 6.32
C PHE B 204 4.36 -2.18 7.12
N GLY B 205 4.82 -2.06 8.37
CA GLY B 205 4.74 -3.15 9.32
C GLY B 205 5.65 -4.34 9.09
N VAL B 206 6.81 -4.07 8.49
CA VAL B 206 7.76 -5.11 8.14
C VAL B 206 8.84 -5.19 9.21
N PRO B 207 9.00 -6.36 9.84
CA PRO B 207 10.06 -6.51 10.85
C PRO B 207 11.45 -6.32 10.24
N LEU B 208 12.27 -5.51 10.91
CA LEU B 208 13.66 -5.40 10.56
C LEU B 208 14.49 -5.97 11.72
N ILE B 209 14.98 -7.19 11.52
CA ILE B 209 15.67 -7.93 12.57
C ILE B 209 17.17 -7.74 12.39
N GLY B 210 17.86 -7.21 13.40
CA GLY B 210 19.31 -7.30 13.46
C GLY B 210 19.78 -8.65 13.96
N TYR B 211 20.59 -9.36 13.19
CA TYR B 211 21.12 -10.61 13.72
C TYR B 211 22.35 -10.28 14.56
N GLN B 212 22.23 -10.52 15.85
CA GLN B 212 23.28 -10.19 16.81
C GLN B 212 23.75 -8.75 16.64
N THR B 213 22.84 -7.85 16.26
CA THR B 213 23.19 -6.45 16.21
C THR B 213 21.94 -5.57 16.48
N LYS B 214 22.12 -4.52 17.26
CA LYS B 214 21.09 -3.50 17.42
C LYS B 214 21.18 -2.46 16.32
N ALA B 215 22.42 -2.13 15.93
CA ALA B 215 22.63 -1.20 14.82
C ALA B 215 22.29 -1.87 13.50
N LEU B 216 21.61 -1.13 12.62
CA LEU B 216 21.35 -1.60 11.26
C LEU B 216 22.67 -1.63 10.49
N PRO B 217 23.07 -2.83 10.01
CA PRO B 217 24.30 -2.94 9.22
C PRO B 217 24.21 -2.15 7.92
N ALA B 218 25.34 -1.57 7.58
CA ALA B 218 25.51 -0.63 6.47
C ALA B 218 25.82 -1.30 5.15
N PHE B 219 25.49 -2.59 5.00
CA PHE B 219 25.92 -3.30 3.79
C PHE B 219 27.44 -3.49 3.81
N PHE B 220 28.21 -2.65 3.14
CA PHE B 220 29.68 -2.78 3.06
C PHE B 220 30.29 -2.67 4.44
N CYS B 221 29.59 -1.96 5.32
CA CYS B 221 29.91 -1.82 6.74
C CYS B 221 29.01 -2.49 7.73
N ARG B 222 29.60 -2.84 8.86
CA ARG B 222 28.91 -3.46 9.94
C ARG B 222 27.88 -2.62 10.65
N THR B 223 28.05 -1.32 10.69
CA THR B 223 27.18 -0.45 11.42
C THR B 223 26.68 0.74 10.65
N SER B 224 25.76 1.46 11.25
CA SER B 224 25.21 2.66 10.71
C SER B 224 24.62 3.47 11.82
N PRO B 225 24.25 4.77 11.45
CA PRO B 225 23.54 5.51 12.51
C PRO B 225 22.14 5.06 12.89
N PHE B 226 21.59 4.02 12.26
CA PHE B 226 20.21 3.64 12.47
C PHE B 226 20.02 2.29 13.12
N ASP B 227 18.88 2.04 13.72
CA ASP B 227 18.76 0.81 14.50
C ASP B 227 17.62 -0.07 13.96
N VAL B 228 17.85 -1.38 13.98
CA VAL B 228 16.84 -2.33 13.50
C VAL B 228 15.60 -2.24 14.39
N SER B 229 14.53 -2.95 14.03
CA SER B 229 13.32 -2.95 14.85
C SER B 229 13.41 -3.93 16.03
N ILE B 230 14.11 -5.04 15.83
CA ILE B 230 14.39 -5.93 16.93
C ILE B 230 15.72 -6.63 16.72
N ARG B 231 16.50 -6.78 17.78
CA ARG B 231 17.70 -7.60 17.70
C ARG B 231 17.40 -9.03 18.11
N LEU B 232 17.80 -10.00 17.28
CA LEU B 232 17.70 -11.41 17.65
C LEU B 232 19.07 -12.07 17.50
N ASP B 233 19.42 -12.94 18.44
CA ASP B 233 20.75 -13.55 18.45
C ASP B 233 20.87 -14.96 17.88
N SER B 234 19.76 -15.57 17.47
CA SER B 234 19.81 -16.96 17.02
C SER B 234 18.88 -17.21 15.85
N ALA B 235 19.29 -18.09 14.95
CA ALA B 235 18.48 -18.49 13.82
C ALA B 235 17.15 -19.06 14.31
N SER B 236 17.22 -19.73 15.45
CA SER B 236 16.06 -20.37 16.04
C SER B 236 14.95 -19.36 16.38
N GLU B 237 15.33 -18.25 17.00
CA GLU B 237 14.38 -17.17 17.32
C GLU B 237 13.72 -16.56 16.08
N ILE B 238 14.52 -16.38 15.04
CA ILE B 238 14.02 -15.84 13.81
C ILE B 238 12.99 -16.79 13.21
N ALA B 239 13.32 -18.07 13.16
CA ALA B 239 12.42 -19.09 12.60
C ALA B 239 11.11 -19.18 13.40
N ARG B 240 11.23 -19.15 14.73
CA ARG B 240 10.02 -19.16 15.56
C ARG B 240 9.14 -17.95 15.28
N ALA B 241 9.76 -16.77 15.15
CA ALA B 241 9.01 -15.57 14.81
C ALA B 241 8.32 -15.65 13.44
N MET B 242 8.99 -16.22 12.44
CA MET B 242 8.37 -16.46 11.14
C MET B 242 7.11 -17.29 11.28
N VAL B 243 7.25 -18.41 11.99
CA VAL B 243 6.13 -19.31 12.20
C VAL B 243 4.96 -18.55 12.84
N VAL B 244 5.21 -17.87 13.95
CA VAL B 244 4.16 -17.12 14.63
C VAL B 244 3.50 -16.06 13.73
N LYS B 245 4.33 -15.26 13.08
CA LYS B 245 3.87 -14.20 12.21
C LYS B 245 2.88 -14.72 11.17
N TRP B 246 3.28 -15.75 10.44
CA TRP B 246 2.42 -16.26 9.37
C TRP B 246 1.23 -17.10 9.86
N GLN B 247 1.41 -17.87 10.92
CA GLN B 247 0.26 -18.56 11.50
C GLN B 247 -0.79 -17.59 12.04
N SER B 248 -0.35 -16.37 12.33
CA SER B 248 -1.26 -15.34 12.84
C SER B 248 -1.82 -14.48 11.71
N GLY B 249 -1.47 -14.82 10.48
CA GLY B 249 -2.02 -14.16 9.32
C GLY B 249 -1.50 -12.75 9.09
N LEU B 250 -0.33 -12.43 9.62
CA LEU B 250 0.21 -11.12 9.33
C LEU B 250 1.06 -11.29 8.10
N ASN B 251 0.49 -10.96 6.95
CA ASN B 251 1.21 -11.22 5.74
C ASN B 251 2.31 -10.19 5.54
N GLY B 252 3.27 -10.53 4.69
CA GLY B 252 4.45 -9.73 4.49
C GLY B 252 5.70 -10.46 4.93
N GLY B 253 6.84 -9.91 4.53
CA GLY B 253 8.10 -10.58 4.70
C GLY B 253 8.81 -10.06 5.91
N LEU B 254 10.03 -10.54 6.12
CA LEU B 254 10.89 -10.09 7.21
C LEU B 254 12.23 -9.75 6.63
N VAL B 255 12.83 -8.64 7.08
CA VAL B 255 14.21 -8.39 6.72
C VAL B 255 15.11 -8.89 7.84
N VAL B 256 16.07 -9.75 7.53
CA VAL B 256 17.09 -10.12 8.51
C VAL B 256 18.38 -9.48 8.05
N ALA B 257 18.81 -8.46 8.79
CA ALA B 257 20.01 -7.70 8.50
C ALA B 257 21.18 -8.31 9.26
N ASN B 258 22.15 -8.78 8.48
CA ASN B 258 23.26 -9.59 8.95
C ASN B 258 24.56 -8.86 8.64
N PRO B 259 25.25 -8.38 9.69
CA PRO B 259 26.47 -7.58 9.46
C PRO B 259 27.53 -8.35 8.70
N ILE B 260 28.19 -7.67 7.76
CA ILE B 260 29.30 -8.27 7.05
C ILE B 260 30.38 -8.64 8.09
N PRO B 261 31.09 -9.75 7.89
CA PRO B 261 32.17 -10.11 8.81
C PRO B 261 33.22 -9.01 8.88
N GLU B 262 33.66 -8.68 10.10
CA GLU B 262 34.56 -7.56 10.35
C GLU B 262 35.77 -7.55 9.43
N GLN B 263 36.32 -8.73 9.17
CA GLN B 263 37.54 -8.81 8.37
C GLN B 263 37.33 -8.36 6.92
N PHE B 264 36.08 -8.43 6.45
CA PHE B 264 35.75 -8.00 5.09
C PHE B 264 35.08 -6.62 4.96
N ALA B 265 34.85 -5.96 6.08
CA ALA B 265 34.13 -4.70 6.07
C ALA B 265 34.97 -3.56 5.50
N MET B 266 34.30 -2.61 4.84
CA MET B 266 34.97 -1.42 4.35
C MET B 266 35.12 -0.43 5.50
N PRO B 267 36.24 0.29 5.53
CA PRO B 267 36.40 1.39 6.50
C PRO B 267 35.31 2.44 6.24
N GLU B 268 34.61 2.88 7.28
CA GLU B 268 33.47 3.78 7.12
C GLU B 268 33.78 5.00 6.25
N HIS B 269 34.86 5.71 6.56
CA HIS B 269 35.16 6.94 5.83
C HIS B 269 35.34 6.75 4.32
N THR B 270 36.16 5.77 3.95
CA THR B 270 36.47 5.51 2.54
C THR B 270 35.22 5.16 1.72
N ILE B 271 34.47 4.18 2.22
CA ILE B 271 33.28 3.73 1.52
C ILE B 271 32.23 4.84 1.45
N ASN B 272 32.12 5.62 2.53
CA ASN B 272 31.20 6.76 2.53
C ASN B 272 31.56 7.83 1.50
N ALA B 273 32.86 8.15 1.38
CA ALA B 273 33.29 9.09 0.35
C ALA B 273 32.92 8.57 -1.04
N ALA B 274 33.22 7.30 -1.29
CA ALA B 274 32.95 6.71 -2.61
C ALA B 274 31.46 6.73 -2.95
N ILE B 275 30.63 6.28 -2.00
CA ILE B 275 29.19 6.31 -2.19
C ILE B 275 28.68 7.72 -2.43
N ASP B 276 29.15 8.69 -1.64
CA ASP B 276 28.70 10.07 -1.78
C ASP B 276 29.01 10.64 -3.16
N GLN B 277 30.23 10.42 -3.62
CA GLN B 277 30.62 10.86 -4.96
C GLN B 277 29.80 10.18 -6.06
N ALA B 278 29.57 8.86 -5.92
CA ALA B 278 28.78 8.14 -6.91
C ALA B 278 27.35 8.67 -6.98
N VAL B 279 26.73 8.86 -5.83
CA VAL B 279 25.40 9.44 -5.74
C VAL B 279 25.33 10.82 -6.42
N ALA B 280 26.31 11.67 -6.11
CA ALA B 280 26.36 13.00 -6.72
C ALA B 280 26.48 12.92 -8.24
N GLU B 281 27.32 12.00 -8.73
CA GLU B 281 27.49 11.82 -10.17
C GLU B 281 26.21 11.28 -10.82
N ALA B 282 25.52 10.36 -10.14
CA ALA B 282 24.27 9.80 -10.68
C ALA B 282 23.25 10.90 -10.84
N GLU B 283 23.12 11.75 -9.81
CA GLU B 283 22.23 12.91 -9.92
C GLU B 283 22.64 13.80 -11.10
N ALA B 284 23.91 14.22 -11.13
CA ALA B 284 24.37 15.09 -12.21
C ALA B 284 24.15 14.49 -13.61
N GLN B 285 24.21 13.17 -13.73
CA GLN B 285 24.12 12.52 -15.04
C GLN B 285 22.70 12.08 -15.41
N GLY B 286 21.76 12.35 -14.52
CA GLY B 286 20.37 11.99 -14.75
C GLY B 286 20.10 10.50 -14.75
N VAL B 287 20.91 9.75 -14.01
CA VAL B 287 20.62 8.32 -13.86
C VAL B 287 19.37 8.12 -12.98
N ILE B 288 18.40 7.37 -13.50
CA ILE B 288 17.13 7.19 -12.81
C ILE B 288 16.58 5.78 -13.02
N GLY B 289 15.57 5.42 -12.22
CA GLY B 289 14.89 4.15 -12.36
C GLY B 289 15.77 2.94 -12.08
N LYS B 290 15.46 1.83 -12.73
CA LYS B 290 16.14 0.55 -12.48
C LYS B 290 17.64 0.61 -12.71
N GLU B 291 18.10 1.61 -13.46
CA GLU B 291 19.53 1.74 -13.76
C GLU B 291 20.32 2.35 -12.59
N SER B 292 19.63 2.92 -11.61
CA SER B 292 20.33 3.67 -10.57
C SER B 292 21.26 2.78 -9.75
N THR B 293 20.69 1.74 -9.18
CA THR B 293 21.46 0.82 -8.34
C THR B 293 22.69 0.22 -9.02
N PRO B 294 22.52 -0.39 -10.21
CA PRO B 294 23.70 -0.95 -10.89
C PRO B 294 24.77 0.10 -11.21
N PHE B 295 24.33 1.28 -11.63
CA PHE B 295 25.24 2.39 -11.89
C PHE B 295 26.02 2.79 -10.64
N LEU B 296 25.30 2.90 -9.52
CA LEU B 296 25.94 3.31 -8.26
C LEU B 296 26.94 2.25 -7.80
N LEU B 297 26.54 1.00 -7.82
CA LEU B 297 27.41 -0.08 -7.35
C LEU B 297 28.66 -0.17 -8.21
N ALA B 298 28.47 -0.03 -9.53
CA ALA B 298 29.59 -0.11 -10.46
C ALA B 298 30.57 1.04 -10.25
N ARG B 299 30.04 2.23 -9.96
CA ARG B 299 30.89 3.40 -9.75
C ARG B 299 31.66 3.27 -8.44
N VAL B 300 30.96 2.82 -7.39
CA VAL B 300 31.58 2.64 -6.10
C VAL B 300 32.73 1.63 -6.19
N ALA B 301 32.52 0.57 -6.97
CA ALA B 301 33.59 -0.39 -7.22
C ALA B 301 34.78 0.31 -7.86
N GLU B 302 34.48 1.22 -8.80
CA GLU B 302 35.53 1.98 -9.48
C GLU B 302 36.31 2.86 -8.53
N LEU B 303 35.60 3.55 -7.64
CA LEU B 303 36.24 4.50 -6.73
C LEU B 303 37.05 3.83 -5.61
N THR B 304 36.65 2.61 -5.25
CA THR B 304 37.37 1.84 -4.22
C THR B 304 38.35 0.81 -4.80
N GLY B 305 38.46 0.76 -6.12
CA GLY B 305 39.41 -0.13 -6.78
C GLY B 305 39.04 -1.59 -6.67
N GLY B 306 37.74 -1.87 -6.69
CA GLY B 306 37.24 -3.23 -6.65
C GLY B 306 37.02 -3.77 -5.24
N ASP B 307 37.41 -2.99 -4.22
CA ASP B 307 37.30 -3.45 -2.84
C ASP B 307 35.85 -3.60 -2.36
N SER B 308 35.01 -2.61 -2.69
CA SER B 308 33.60 -2.66 -2.34
C SER B 308 32.96 -3.94 -2.89
N LEU B 309 33.37 -4.33 -4.10
CA LEU B 309 32.90 -5.56 -4.72
C LEU B 309 33.29 -6.81 -3.90
N LYS B 310 34.57 -6.91 -3.53
CA LYS B 310 35.05 -8.01 -2.67
C LYS B 310 34.23 -8.11 -1.37
N SER B 311 33.99 -6.94 -0.77
CA SER B 311 33.11 -6.86 0.39
C SER B 311 31.70 -7.40 0.11
N ASN B 312 31.15 -7.03 -1.06
CA ASN B 312 29.81 -7.47 -1.47
C ASN B 312 29.73 -9.00 -1.57
N ILE B 313 30.75 -9.59 -2.18
CA ILE B 313 30.84 -11.05 -2.29
C ILE B 313 30.87 -11.70 -0.90
N GLN B 314 31.77 -11.22 -0.06
CA GLN B 314 31.87 -11.77 1.30
C GLN B 314 30.53 -11.69 2.05
N LEU B 315 29.83 -10.56 1.92
CA LEU B 315 28.58 -10.44 2.64
C LEU B 315 27.52 -11.40 2.08
N VAL B 316 27.54 -11.65 0.77
CA VAL B 316 26.61 -12.63 0.20
C VAL B 316 26.85 -14.08 0.69
N PHE B 317 28.11 -14.48 0.78
CA PHE B 317 28.41 -15.80 1.35
C PHE B 317 27.90 -15.85 2.80
N ASN B 318 28.23 -14.81 3.56
CA ASN B 318 27.82 -14.74 4.95
C ASN B 318 26.30 -14.90 5.10
N ASN B 319 25.56 -14.22 4.22
CA ASN B 319 24.11 -14.26 4.25
C ASN B 319 23.58 -15.64 3.84
N ALA B 320 24.25 -16.29 2.90
CA ALA B 320 23.84 -17.64 2.52
C ALA B 320 23.98 -18.61 3.70
N ILE B 321 25.05 -18.47 4.47
CA ILE B 321 25.24 -19.31 5.66
C ILE B 321 24.12 -19.08 6.66
N LEU B 322 23.91 -17.82 7.03
CA LEU B 322 22.85 -17.53 7.98
C LEU B 322 21.48 -18.01 7.48
N ALA B 323 21.19 -17.74 6.22
CA ALA B 323 19.93 -18.13 5.61
C ALA B 323 19.74 -19.64 5.73
N SER B 324 20.83 -20.38 5.54
CA SER B 324 20.75 -21.84 5.63
C SER B 324 20.33 -22.24 7.05
N GLU B 325 20.93 -21.59 8.04
CA GLU B 325 20.56 -21.91 9.44
C GLU B 325 19.09 -21.61 9.76
N ILE B 326 18.64 -20.43 9.36
CA ILE B 326 17.25 -20.05 9.51
C ILE B 326 16.32 -21.05 8.80
N ALA B 327 16.66 -21.44 7.57
CA ALA B 327 15.84 -22.41 6.86
C ALA B 327 15.76 -23.75 7.61
N LYS B 328 16.89 -24.22 8.15
CA LYS B 328 16.89 -25.46 8.91
C LYS B 328 15.99 -25.36 10.13
N GLU B 329 16.11 -24.26 10.86
CA GLU B 329 15.31 -24.08 12.08
C GLU B 329 13.83 -23.87 11.78
N TYR B 330 13.54 -23.25 10.64
CA TYR B 330 12.16 -23.04 10.25
C TYR B 330 11.53 -24.36 9.87
N GLN B 331 12.26 -25.20 9.14
CA GLN B 331 11.70 -26.50 8.79
C GLN B 331 11.51 -27.34 10.03
N ARG B 332 12.41 -27.16 11.01
CA ARG B 332 12.28 -27.90 12.26
C ARG B 332 11.03 -27.44 13.03
N LEU B 333 10.79 -26.14 13.06
CA LEU B 333 9.67 -25.58 13.83
C LEU B 333 8.35 -25.61 13.06
N ALA B 334 8.39 -26.13 11.84
CA ALA B 334 7.18 -26.23 11.02
C ALA B 334 7.27 -27.44 10.08
N ILE C 29 -7.06 -20.44 13.80
CA ILE C 29 -5.77 -20.12 14.42
C ILE C 29 -5.62 -20.78 15.81
N SER C 30 -4.43 -21.30 16.08
CA SER C 30 -4.15 -22.06 17.29
C SER C 30 -4.52 -21.32 18.58
N PRO C 31 -5.04 -22.06 19.58
CA PRO C 31 -5.33 -21.53 20.91
C PRO C 31 -4.05 -21.19 21.68
N GLU C 32 -2.92 -21.72 21.21
CA GLU C 32 -1.62 -21.38 21.79
C GLU C 32 -1.18 -19.98 21.36
N LEU C 33 -1.60 -19.58 20.17
CA LEU C 33 -1.38 -18.22 19.67
C LEU C 33 -2.42 -17.20 20.11
N LEU C 34 -3.69 -17.61 20.09
CA LEU C 34 -4.80 -16.70 20.30
C LEU C 34 -5.89 -17.33 21.17
N GLN C 35 -6.34 -16.59 22.17
CA GLN C 35 -7.38 -17.04 23.08
C GLN C 35 -8.46 -15.99 23.28
N ILE C 36 -9.71 -16.39 23.07
CA ILE C 36 -10.85 -15.52 23.31
C ILE C 36 -11.49 -15.91 24.63
N SER C 37 -11.66 -14.93 25.51
CA SER C 37 -12.25 -15.19 26.82
C SER C 37 -13.66 -15.75 26.67
N PRO C 38 -14.09 -16.57 27.65
CA PRO C 38 -15.42 -17.18 27.63
C PRO C 38 -16.54 -16.16 27.41
N GLU C 39 -16.49 -15.02 28.08
CA GLU C 39 -17.52 -14.00 27.89
C GLU C 39 -17.60 -13.57 26.42
N VAL C 40 -16.46 -13.20 25.85
CA VAL C 40 -16.44 -12.73 24.47
C VAL C 40 -16.79 -13.88 23.53
N GLN C 41 -16.37 -15.08 23.88
CA GLN C 41 -16.68 -16.26 23.07
C GLN C 41 -18.20 -16.41 22.97
N ASP C 42 -18.86 -16.30 24.12
CA ASP C 42 -20.32 -16.40 24.19
C ASP C 42 -20.99 -15.30 23.38
N ALA C 43 -20.53 -14.07 23.54
CA ALA C 43 -21.08 -12.95 22.78
C ALA C 43 -20.98 -13.19 21.27
N LEU C 44 -19.81 -13.62 20.81
CA LEU C 44 -19.59 -13.88 19.39
C LEU C 44 -20.48 -15.00 18.85
N LYS C 45 -20.53 -16.11 19.59
CA LYS C 45 -21.30 -17.27 19.15
C LYS C 45 -22.81 -17.00 19.10
N ASN C 46 -23.29 -16.13 19.98
CA ASN C 46 -24.70 -15.75 20.02
C ASN C 46 -25.03 -14.46 19.27
N LYS C 47 -24.04 -13.87 18.60
CA LYS C 47 -24.26 -12.68 17.80
C LYS C 47 -24.67 -11.47 18.64
N LYS C 48 -24.10 -11.34 19.84
CA LYS C 48 -24.26 -10.15 20.65
C LYS C 48 -23.17 -9.14 20.24
N PRO C 49 -23.51 -7.85 20.29
CA PRO C 49 -22.57 -6.80 19.87
C PRO C 49 -21.33 -6.71 20.76
N VAL C 50 -20.15 -6.72 20.14
CA VAL C 50 -18.89 -6.72 20.85
C VAL C 50 -18.07 -5.48 20.47
N VAL C 51 -17.38 -4.90 21.44
CA VAL C 51 -16.55 -3.72 21.19
C VAL C 51 -15.14 -3.97 21.70
N ALA C 52 -14.16 -3.82 20.82
CA ALA C 52 -12.77 -4.03 21.21
C ALA C 52 -12.20 -2.82 21.93
N LEU C 53 -11.25 -3.07 22.84
CA LEU C 53 -10.51 -2.04 23.55
C LEU C 53 -9.02 -2.35 23.53
N GLU C 54 -8.21 -1.34 23.42
CA GLU C 54 -6.80 -1.60 23.46
C GLU C 54 -6.29 -1.64 24.89
N SER C 55 -5.12 -2.20 25.08
CA SER C 55 -4.54 -2.34 26.41
C SER C 55 -3.51 -1.26 26.78
N THR C 56 -3.05 -0.46 25.80
CA THR C 56 -2.09 0.59 26.12
C THR C 56 -2.67 1.64 27.04
N ILE C 57 -3.97 1.70 27.13
CA ILE C 57 -4.65 2.54 28.10
C ILE C 57 -4.33 2.09 29.53
N ILE C 58 -4.16 0.79 29.73
CA ILE C 58 -3.87 0.27 31.06
C ILE C 58 -2.42 0.46 31.47
N SER C 59 -1.49 0.06 30.61
CA SER C 59 -0.07 0.14 30.94
C SER C 59 0.41 1.58 30.99
N HIS C 60 0.00 2.37 30.01
CA HIS C 60 0.41 3.77 29.90
C HIS C 60 -0.58 4.76 30.52
N GLY C 61 -1.57 4.26 31.26
CA GLY C 61 -2.52 5.13 31.96
C GLY C 61 -2.07 5.62 33.32
N MET C 62 -3.02 5.91 34.20
CA MET C 62 -2.73 6.39 35.55
C MET C 62 -2.02 5.34 36.40
N PRO C 63 -1.39 5.83 37.43
CA PRO C 63 -0.62 4.99 38.29
C PRO C 63 -1.59 4.01 38.84
N PHE C 64 -1.13 2.80 38.94
CA PHE C 64 -1.87 1.69 39.49
C PHE C 64 -2.18 2.07 40.92
N PRO C 65 -3.34 1.66 41.43
CA PRO C 65 -4.23 0.72 40.78
C PRO C 65 -5.32 1.41 39.97
N GLN C 66 -5.21 2.71 39.77
CA GLN C 66 -6.19 3.39 38.99
C GLN C 66 -6.30 2.93 37.49
N ASN C 67 -5.19 2.83 36.76
CA ASN C 67 -5.28 2.43 35.36
C ASN C 67 -6.13 1.16 35.18
N ALA C 68 -5.89 0.19 36.05
CA ALA C 68 -6.69 -1.03 36.09
C ALA C 68 -8.16 -0.71 36.35
N GLN C 69 -8.45 -0.02 37.45
CA GLN C 69 -9.82 0.35 37.80
C GLN C 69 -10.53 1.03 36.63
N THR C 70 -9.84 1.99 36.02
CA THR C 70 -10.40 2.72 34.88
C THR C 70 -10.76 1.79 33.72
N ALA C 71 -9.81 0.95 33.32
CA ALA C 71 -10.09 0.00 32.24
C ALA C 71 -11.33 -0.86 32.59
N ILE C 72 -11.42 -1.23 33.87
CA ILE C 72 -12.56 -2.00 34.34
C ILE C 72 -13.86 -1.21 34.17
N GLU C 73 -13.80 0.10 34.45
CA GLU C 73 -14.97 0.97 34.34
C GLU C 73 -15.41 1.17 32.89
N VAL C 74 -14.44 1.24 31.98
CA VAL C 74 -14.76 1.35 30.57
C VAL C 74 -15.49 0.08 30.14
N GLU C 75 -14.94 -1.07 30.51
CA GLU C 75 -15.64 -2.33 30.21
C GLU C 75 -17.08 -2.32 30.77
N GLU C 76 -17.22 -1.90 32.03
CA GLU C 76 -18.54 -1.87 32.65
C GLU C 76 -19.48 -0.93 31.88
N THR C 77 -18.95 0.20 31.45
CA THR C 77 -19.70 1.17 30.66
C THR C 77 -20.22 0.54 29.38
N ILE C 78 -19.39 -0.30 28.76
CA ILE C 78 -19.82 -0.99 27.55
C ILE C 78 -20.93 -1.99 27.85
N ARG C 79 -20.79 -2.72 28.94
CA ARG C 79 -21.83 -3.66 29.38
C ARG C 79 -23.16 -2.89 29.65
N LYS C 80 -23.10 -1.73 30.25
CA LYS C 80 -24.32 -1.00 30.60
C LYS C 80 -25.00 -0.51 29.34
N GLN C 81 -24.22 -0.40 28.27
CA GLN C 81 -24.75 0.06 26.99
C GLN C 81 -25.39 -1.11 26.24
N GLY C 82 -25.30 -2.30 26.82
CA GLY C 82 -25.81 -3.50 26.19
C GLY C 82 -24.85 -4.11 25.16
N ALA C 83 -23.55 -3.93 25.39
CA ALA C 83 -22.55 -4.53 24.52
C ALA C 83 -21.58 -5.37 25.36
N VAL C 84 -20.81 -6.22 24.69
CA VAL C 84 -19.79 -7.00 25.39
C VAL C 84 -18.43 -6.46 25.02
N PRO C 85 -17.69 -5.94 26.01
CA PRO C 85 -16.34 -5.41 25.82
C PRO C 85 -15.35 -6.53 25.64
N ALA C 86 -14.37 -6.34 24.77
CA ALA C 86 -13.24 -7.25 24.72
C ALA C 86 -11.96 -6.42 24.77
N THR C 87 -11.27 -6.48 25.90
CA THR C 87 -10.01 -5.78 26.01
C THR C 87 -8.97 -6.69 25.44
N ILE C 88 -8.15 -6.15 24.56
CA ILE C 88 -7.19 -6.95 23.83
C ILE C 88 -5.79 -6.67 24.32
N ALA C 89 -5.02 -7.73 24.53
CA ALA C 89 -3.63 -7.58 24.96
C ALA C 89 -2.83 -8.83 24.62
N ILE C 90 -1.53 -8.82 24.89
CA ILE C 90 -0.74 -10.05 24.80
C ILE C 90 -0.26 -10.41 26.20
N ILE C 91 -0.73 -11.56 26.70
CA ILE C 91 -0.37 -12.05 28.02
C ILE C 91 0.47 -13.32 27.92
N GLY C 92 1.70 -13.25 28.42
CA GLY C 92 2.59 -14.39 28.36
C GLY C 92 2.65 -15.02 26.97
N GLY C 93 2.75 -14.18 25.94
CA GLY C 93 2.92 -14.68 24.59
C GLY C 93 1.64 -15.10 23.89
N VAL C 94 0.51 -14.97 24.58
CA VAL C 94 -0.78 -15.27 23.96
C VAL C 94 -1.57 -14.00 23.64
N MET C 95 -2.02 -13.89 22.40
CA MET C 95 -2.92 -12.80 22.04
C MET C 95 -4.27 -13.09 22.69
N LYS C 96 -4.73 -12.17 23.52
CA LYS C 96 -5.94 -12.37 24.32
C LYS C 96 -7.01 -11.37 23.94
N VAL C 97 -8.15 -11.91 23.53
CA VAL C 97 -9.33 -11.13 23.20
C VAL C 97 -10.29 -11.21 24.38
N GLY C 98 -10.38 -10.10 25.10
CA GLY C 98 -11.08 -10.03 26.36
C GLY C 98 -10.09 -10.45 27.43
N LEU C 99 -10.17 -9.81 28.58
CA LEU C 99 -9.22 -10.11 29.64
C LEU C 99 -9.98 -10.40 30.92
N SER C 100 -9.32 -11.08 31.84
CA SER C 100 -9.86 -11.26 33.18
C SER C 100 -9.47 -10.06 34.01
N LYS C 101 -9.95 -10.02 35.25
CA LYS C 101 -9.63 -8.93 36.15
C LYS C 101 -8.13 -8.94 36.43
N GLU C 102 -7.57 -10.13 36.63
CA GLU C 102 -6.20 -10.27 37.06
C GLU C 102 -5.20 -10.00 35.94
N GLU C 103 -5.63 -10.22 34.69
CA GLU C 103 -4.78 -9.88 33.55
C GLU C 103 -4.67 -8.37 33.45
N ILE C 104 -5.81 -7.70 33.56
CA ILE C 104 -5.87 -6.26 33.51
C ILE C 104 -5.03 -5.69 34.64
N GLU C 105 -5.24 -6.23 35.84
CA GLU C 105 -4.48 -5.81 37.00
C GLU C 105 -2.99 -5.99 36.75
N LEU C 106 -2.62 -7.11 36.12
CA LEU C 106 -1.22 -7.40 35.83
C LEU C 106 -0.60 -6.37 34.90
N LEU C 107 -1.33 -5.99 33.85
CA LEU C 107 -0.86 -4.96 32.92
C LEU C 107 -0.74 -3.61 33.62
N GLY C 108 -1.72 -3.30 34.45
CA GLY C 108 -1.67 -2.07 35.23
C GLY C 108 -0.45 -2.01 36.14
N ARG C 109 -0.20 -3.11 36.85
CA ARG C 109 0.91 -3.20 37.80
C ARG C 109 2.25 -3.13 37.09
N GLU C 110 2.38 -3.86 36.00
CA GLU C 110 3.62 -3.85 35.21
C GLU C 110 3.83 -2.49 34.55
N GLY C 111 2.74 -1.76 34.37
CA GLY C 111 2.83 -0.36 33.98
C GLY C 111 3.71 -0.11 32.77
N HIS C 112 4.64 0.83 32.91
CA HIS C 112 5.48 1.24 31.79
C HIS C 112 6.53 0.20 31.40
N ASN C 113 6.66 -0.85 32.21
CA ASN C 113 7.56 -1.95 31.88
C ASN C 113 6.99 -2.83 30.76
N VAL C 114 5.70 -2.63 30.46
CA VAL C 114 5.04 -3.36 29.37
C VAL C 114 5.30 -2.68 28.03
N THR C 115 5.76 -3.46 27.05
CA THR C 115 6.08 -2.91 25.74
C THR C 115 4.82 -2.66 24.91
N LYS C 116 4.82 -1.56 24.17
CA LYS C 116 3.75 -1.27 23.22
C LYS C 116 4.00 -2.08 21.95
N VAL C 117 2.96 -2.76 21.48
CA VAL C 117 3.13 -3.74 20.42
C VAL C 117 2.53 -3.27 19.10
N SER C 118 3.37 -3.07 18.09
CA SER C 118 2.88 -2.68 16.77
C SER C 118 2.77 -3.92 15.89
N ARG C 119 2.34 -3.76 14.65
CA ARG C 119 2.27 -4.88 13.73
C ARG C 119 3.61 -5.59 13.58
N ARG C 120 4.70 -4.83 13.46
CA ARG C 120 6.00 -5.45 13.24
C ARG C 120 6.57 -6.05 14.53
N ASP C 121 6.05 -5.62 15.67
CA ASP C 121 6.46 -6.16 16.98
C ASP C 121 5.75 -7.46 17.37
N LEU C 122 4.51 -7.59 16.92
CA LEU C 122 3.61 -8.64 17.36
C LEU C 122 4.23 -10.04 17.38
N PRO C 123 4.73 -10.52 16.22
CA PRO C 123 5.27 -11.88 16.16
C PRO C 123 6.32 -12.18 17.23
N PHE C 124 7.17 -11.19 17.52
CA PHE C 124 8.28 -11.39 18.46
C PHE C 124 7.86 -11.41 19.92
N VAL C 125 6.87 -10.60 20.27
CA VAL C 125 6.39 -10.59 21.65
C VAL C 125 5.68 -11.92 21.93
N VAL C 126 4.91 -12.38 20.95
CA VAL C 126 4.18 -13.62 21.04
C VAL C 126 5.16 -14.81 21.10
N ALA C 127 6.10 -14.83 20.15
CA ALA C 127 7.13 -15.88 20.12
C ALA C 127 7.86 -15.99 21.45
N ALA C 128 8.19 -14.84 22.04
CA ALA C 128 9.04 -14.80 23.22
C ALA C 128 8.26 -14.95 24.52
N GLY C 129 6.94 -15.13 24.41
CA GLY C 129 6.09 -15.31 25.59
C GLY C 129 5.99 -14.09 26.48
N LYS C 130 6.25 -12.92 25.91
CA LYS C 130 6.21 -11.68 26.68
C LYS C 130 4.78 -11.16 26.87
N ASN C 131 4.62 -10.30 27.87
CA ASN C 131 3.40 -9.52 27.96
C ASN C 131 3.55 -8.34 27.01
N GLY C 132 2.43 -7.80 26.52
CA GLY C 132 2.49 -6.56 25.79
C GLY C 132 1.17 -5.82 25.68
N ALA C 133 1.25 -4.51 25.55
CA ALA C 133 0.07 -3.69 25.39
C ALA C 133 -0.14 -3.43 23.90
N THR C 134 -1.35 -3.69 23.40
CA THR C 134 -1.60 -3.55 21.96
C THR C 134 -1.92 -2.11 21.58
N THR C 135 -1.36 -1.66 20.47
CA THR C 135 -1.61 -0.32 19.96
C THR C 135 -2.90 -0.31 19.11
N VAL C 136 -3.18 0.81 18.46
CA VAL C 136 -4.34 0.87 17.59
C VAL C 136 -4.23 -0.20 16.50
N ALA C 137 -3.07 -0.27 15.87
CA ALA C 137 -2.87 -1.22 14.76
C ALA C 137 -2.96 -2.67 15.22
N SER C 138 -2.26 -2.99 16.30
CA SER C 138 -2.24 -4.37 16.75
C SER C 138 -3.60 -4.78 17.30
N THR C 139 -4.30 -3.84 17.93
CA THR C 139 -5.65 -4.12 18.43
C THR C 139 -6.62 -4.35 17.27
N MET C 140 -6.49 -3.56 16.21
CA MET C 140 -7.29 -3.81 14.99
C MET C 140 -7.01 -5.20 14.43
N ILE C 141 -5.73 -5.56 14.37
CA ILE C 141 -5.34 -6.88 13.87
C ILE C 141 -6.00 -8.02 14.67
N ILE C 142 -5.83 -7.97 15.98
CA ILE C 142 -6.30 -9.06 16.82
C ILE C 142 -7.85 -9.12 16.84
N ALA C 143 -8.46 -7.95 16.93
CA ALA C 143 -9.90 -7.85 16.85
C ALA C 143 -10.40 -8.50 15.57
N ALA C 144 -9.76 -8.18 14.44
CA ALA C 144 -10.16 -8.75 13.16
C ALA C 144 -10.03 -10.27 13.15
N LEU C 145 -8.96 -10.78 13.75
CA LEU C 145 -8.82 -12.22 13.87
C LEU C 145 -9.99 -12.81 14.67
N ALA C 146 -10.50 -12.05 15.64
CA ALA C 146 -11.60 -12.53 16.46
C ALA C 146 -12.97 -12.30 15.83
N GLY C 147 -12.99 -11.62 14.69
CA GLY C 147 -14.24 -11.31 14.03
C GLY C 147 -14.96 -10.12 14.64
N ILE C 148 -14.24 -9.30 15.40
CA ILE C 148 -14.84 -8.09 15.99
C ILE C 148 -14.66 -6.91 15.05
N LYS C 149 -15.76 -6.22 14.75
CA LYS C 149 -15.77 -5.16 13.74
C LYS C 149 -15.70 -3.72 14.27
N VAL C 150 -15.77 -3.56 15.59
CA VAL C 150 -15.81 -2.20 16.16
C VAL C 150 -14.80 -2.07 17.33
N PHE C 151 -14.07 -0.96 17.33
CA PHE C 151 -12.95 -0.77 18.24
C PHE C 151 -13.01 0.66 18.77
N ALA C 152 -13.15 0.81 20.08
CA ALA C 152 -13.20 2.13 20.70
C ALA C 152 -11.81 2.50 21.27
N THR C 153 -11.33 3.68 20.95
CA THR C 153 -10.02 4.14 21.40
C THR C 153 -10.08 5.64 21.69
N GLY C 154 -8.97 6.21 22.17
CA GLY C 154 -8.89 7.66 22.30
C GLY C 154 -8.62 8.37 20.97
N GLY C 155 -7.50 8.03 20.34
CA GLY C 155 -7.14 8.68 19.09
C GLY C 155 -6.37 7.74 18.19
N ILE C 156 -6.15 8.15 16.93
CA ILE C 156 -5.35 7.35 16.02
C ILE C 156 -4.05 8.06 15.69
N GLY C 157 -3.04 7.29 15.30
CA GLY C 157 -1.81 7.86 14.83
C GLY C 157 -2.06 8.49 13.47
N GLY C 158 -1.06 9.18 12.92
CA GLY C 158 -1.23 9.87 11.66
C GLY C 158 0.10 10.20 11.01
N VAL C 159 0.05 11.12 10.06
CA VAL C 159 1.28 11.64 9.45
C VAL C 159 1.85 12.71 10.38
N HIS C 160 3.13 12.60 10.70
CA HIS C 160 3.78 13.53 11.61
C HIS C 160 4.19 14.81 10.90
N ARG C 161 4.22 15.93 11.62
CA ARG C 161 4.73 17.16 11.03
C ARG C 161 6.16 16.90 10.58
N GLY C 162 6.49 17.34 9.37
CA GLY C 162 7.81 17.11 8.81
C GLY C 162 7.97 15.78 8.08
N ALA C 163 6.92 14.96 8.08
CA ALA C 163 6.96 13.65 7.39
C ALA C 163 7.32 13.77 5.92
N GLU C 164 7.03 14.93 5.33
CA GLU C 164 7.40 15.13 3.94
C GLU C 164 8.92 14.92 3.74
N HIS C 165 9.73 15.34 4.71
CA HIS C 165 11.14 14.94 4.69
C HIS C 165 11.62 13.82 5.64
N THR C 166 10.85 13.48 6.67
CA THR C 166 11.26 12.41 7.59
C THR C 166 10.62 11.06 7.30
N PHE C 167 9.57 11.06 6.48
CA PHE C 167 8.78 9.87 6.21
C PHE C 167 8.15 9.24 7.46
N ASP C 168 7.97 10.02 8.52
CA ASP C 168 7.47 9.43 9.76
C ASP C 168 5.94 9.43 9.68
N ILE C 169 5.40 8.24 9.45
CA ILE C 169 4.00 8.04 9.16
C ILE C 169 3.51 6.83 9.93
N SER C 170 2.51 7.05 10.79
CA SER C 170 2.03 5.99 11.67
C SER C 170 1.55 4.77 10.89
N ALA C 171 2.01 3.60 11.32
CA ALA C 171 1.51 2.33 10.78
C ALA C 171 -0.02 2.17 10.96
N ASP C 172 -0.62 2.92 11.89
CA ASP C 172 -2.07 2.90 12.05
C ASP C 172 -2.78 3.19 10.73
N LEU C 173 -2.21 4.09 9.93
CA LEU C 173 -2.86 4.45 8.66
C LEU C 173 -2.89 3.28 7.68
N GLN C 174 -1.81 2.51 7.63
CA GLN C 174 -1.81 1.33 6.77
C GLN C 174 -2.77 0.27 7.34
N GLU C 175 -2.81 0.16 8.66
CA GLU C 175 -3.75 -0.79 9.23
C GLU C 175 -5.19 -0.42 8.85
N LEU C 176 -5.51 0.84 8.91
CA LEU C 176 -6.78 1.32 8.47
C LEU C 176 -7.05 1.02 6.97
N ALA C 177 -6.02 1.11 6.15
CA ALA C 177 -6.14 0.82 4.76
C ALA C 177 -6.52 -0.63 4.49
N ASN C 178 -6.11 -1.54 5.36
CA ASN C 178 -6.18 -2.96 5.10
C ASN C 178 -7.08 -3.86 5.96
N THR C 179 -7.40 -3.44 7.15
CA THR C 179 -8.04 -4.29 8.13
C THR C 179 -9.45 -3.84 8.44
N ASN C 180 -10.40 -4.77 8.39
CA ASN C 180 -11.79 -4.35 8.40
C ASN C 180 -12.27 -4.18 9.84
N VAL C 181 -12.08 -2.96 10.32
CA VAL C 181 -12.47 -2.58 11.66
C VAL C 181 -12.80 -1.09 11.62
N THR C 182 -13.87 -0.75 12.30
CA THR C 182 -14.27 0.63 12.48
C THR C 182 -13.68 1.13 13.80
N VAL C 183 -12.86 2.17 13.73
CA VAL C 183 -12.17 2.68 14.89
C VAL C 183 -12.83 4.00 15.31
N VAL C 184 -13.46 3.97 16.47
CA VAL C 184 -14.17 5.13 16.98
C VAL C 184 -13.17 5.88 17.86
N CYS C 185 -12.83 7.09 17.42
CA CYS C 185 -11.79 7.85 18.06
C CYS C 185 -12.17 9.32 18.02
N ALA C 186 -11.32 10.16 18.61
CA ALA C 186 -11.41 11.62 18.54
C ALA C 186 -10.62 12.17 17.36
N GLY C 187 -10.31 11.31 16.40
CA GLY C 187 -9.47 11.70 15.29
C GLY C 187 -8.02 11.50 15.70
N ALA C 188 -7.12 12.30 15.15
CA ALA C 188 -5.72 12.29 15.55
C ALA C 188 -5.37 13.59 16.24
N LYS C 189 -4.35 13.57 17.09
CA LYS C 189 -3.91 14.79 17.76
C LYS C 189 -3.54 15.89 16.76
N SER C 190 -3.88 17.13 17.10
CA SER C 190 -3.55 18.26 16.25
C SER C 190 -2.06 18.55 16.21
N ILE C 191 -1.31 17.88 17.09
CA ILE C 191 0.14 17.94 17.10
C ILE C 191 0.75 17.20 15.90
N LEU C 192 -0.04 16.32 15.29
CA LEU C 192 0.36 15.67 14.04
C LEU C 192 0.04 16.60 12.88
N ASP C 193 0.37 16.20 11.65
CA ASP C 193 -0.02 16.99 10.50
C ASP C 193 -1.34 16.46 9.97
N LEU C 194 -2.41 17.21 10.21
CA LEU C 194 -3.75 16.71 9.91
C LEU C 194 -4.09 16.82 8.43
N GLY C 195 -3.54 17.83 7.76
CA GLY C 195 -3.76 17.98 6.34
C GLY C 195 -3.20 16.75 5.62
N LEU C 196 -1.92 16.47 5.88
CA LEU C 196 -1.27 15.31 5.27
C LEU C 196 -1.98 14.01 5.61
N THR C 197 -2.42 13.89 6.86
CA THR C 197 -3.14 12.70 7.31
C THR C 197 -4.45 12.52 6.53
N THR C 198 -5.23 13.59 6.36
CA THR C 198 -6.48 13.47 5.61
C THR C 198 -6.22 13.11 4.14
N GLU C 199 -5.18 13.71 3.55
CA GLU C 199 -4.80 13.31 2.19
C GLU C 199 -4.44 11.81 2.13
N TYR C 200 -3.69 11.36 3.12
CA TYR C 200 -3.18 9.99 3.12
C TYR C 200 -4.36 9.06 3.15
N LEU C 201 -5.33 9.38 4.01
CA LEU C 201 -6.49 8.53 4.14
C LEU C 201 -7.28 8.49 2.83
N GLU C 202 -7.36 9.63 2.14
CA GLU C 202 -8.08 9.64 0.86
C GLU C 202 -7.38 8.73 -0.16
N THR C 203 -6.06 8.85 -0.24
CA THR C 203 -5.28 8.07 -1.22
C THR C 203 -5.51 6.57 -1.02
N PHE C 204 -5.59 6.15 0.23
CA PHE C 204 -5.79 4.74 0.58
C PHE C 204 -7.24 4.28 0.72
N GLY C 205 -8.16 5.17 0.38
CA GLY C 205 -9.57 4.83 0.29
C GLY C 205 -10.29 4.57 1.62
N VAL C 206 -9.79 5.18 2.69
CA VAL C 206 -10.36 4.98 4.02
C VAL C 206 -11.38 6.08 4.34
N PRO C 207 -12.64 5.69 4.66
CA PRO C 207 -13.64 6.67 5.07
C PRO C 207 -13.25 7.37 6.36
N LEU C 208 -13.38 8.69 6.37
CA LEU C 208 -13.24 9.46 7.60
C LEU C 208 -14.61 10.08 7.90
N ILE C 209 -15.34 9.46 8.80
CA ILE C 209 -16.71 9.84 9.10
C ILE C 209 -16.70 10.76 10.30
N GLY C 210 -17.25 11.97 10.19
CA GLY C 210 -17.54 12.75 11.39
C GLY C 210 -18.83 12.32 12.06
N TYR C 211 -18.83 12.10 13.37
CA TYR C 211 -20.08 11.75 14.01
C TYR C 211 -20.74 13.05 14.42
N GLN C 212 -21.83 13.36 13.70
CA GLN C 212 -22.56 14.61 13.88
C GLN C 212 -21.65 15.84 13.77
N THR C 213 -20.62 15.75 12.92
CA THR C 213 -19.73 16.87 12.65
C THR C 213 -19.19 16.84 11.22
N LYS C 214 -19.10 18.01 10.59
CA LYS C 214 -18.34 18.15 9.35
C LYS C 214 -16.85 18.41 9.60
N ALA C 215 -16.58 19.26 10.58
CA ALA C 215 -15.20 19.54 10.96
C ALA C 215 -14.56 18.29 11.58
N LEU C 216 -13.30 18.07 11.26
CA LEU C 216 -12.54 16.98 11.86
C LEU C 216 -12.13 17.36 13.28
N PRO C 217 -12.65 16.63 14.28
CA PRO C 217 -12.20 16.89 15.66
C PRO C 217 -10.77 16.38 15.85
N ALA C 218 -10.03 16.99 16.77
CA ALA C 218 -8.71 16.45 17.13
C ALA C 218 -8.50 16.34 18.64
N PHE C 219 -8.53 15.12 19.17
CA PHE C 219 -8.18 14.90 20.58
C PHE C 219 -8.91 15.88 21.52
N PHE C 220 -8.16 16.78 22.15
CA PHE C 220 -8.67 17.83 23.06
C PHE C 220 -9.83 18.64 22.49
N CYS C 221 -9.78 18.86 21.17
CA CYS C 221 -10.65 19.83 20.52
C CYS C 221 -11.74 19.17 19.69
N ARG C 222 -12.92 19.78 19.73
CA ARG C 222 -14.08 19.30 19.00
C ARG C 222 -13.98 19.61 17.51
N THR C 223 -13.13 20.56 17.15
CA THR C 223 -12.99 20.98 15.78
C THR C 223 -11.54 21.19 15.37
N SER C 224 -11.32 21.49 14.11
CA SER C 224 -10.02 21.75 13.57
C SER C 224 -10.16 22.40 12.23
N PRO C 225 -8.95 22.84 11.66
CA PRO C 225 -9.11 23.41 10.30
C PRO C 225 -9.44 22.44 9.14
N PHE C 226 -9.71 21.20 9.42
CA PHE C 226 -9.91 20.22 8.34
C PHE C 226 -11.24 19.53 8.46
N ASP C 227 -11.71 18.99 7.35
CA ASP C 227 -12.98 18.29 7.31
C ASP C 227 -12.90 16.77 7.22
N VAL C 228 -13.94 16.08 7.69
CA VAL C 228 -14.02 14.64 7.52
C VAL C 228 -14.42 14.36 6.06
N SER C 229 -14.43 13.09 5.64
CA SER C 229 -14.84 12.83 4.26
C SER C 229 -16.38 12.82 4.16
N ILE C 230 -17.05 12.44 5.25
CA ILE C 230 -18.51 12.50 5.28
C ILE C 230 -19.02 12.63 6.70
N ARG C 231 -20.11 13.36 6.88
CA ARG C 231 -20.74 13.49 8.19
C ARG C 231 -21.90 12.51 8.31
N LEU C 232 -21.95 11.75 9.40
CA LEU C 232 -23.11 10.90 9.67
C LEU C 232 -23.60 11.14 11.09
N ASP C 233 -24.92 11.22 11.26
CA ASP C 233 -25.49 11.61 12.54
C ASP C 233 -25.97 10.46 13.43
N SER C 234 -25.82 9.22 12.99
CA SER C 234 -26.30 8.11 13.80
C SER C 234 -25.43 6.86 13.74
N ALA C 235 -25.39 6.14 14.86
CA ALA C 235 -24.75 4.82 14.90
C ALA C 235 -25.31 3.92 13.79
N SER C 236 -26.63 3.98 13.58
CA SER C 236 -27.27 3.10 12.59
C SER C 236 -26.81 3.40 11.16
N GLU C 237 -26.60 4.67 10.84
CA GLU C 237 -26.13 5.02 9.50
C GLU C 237 -24.67 4.60 9.24
N ILE C 238 -23.87 4.69 10.30
CA ILE C 238 -22.49 4.24 10.23
C ILE C 238 -22.47 2.72 10.01
N ALA C 239 -23.32 2.02 10.75
CA ALA C 239 -23.43 0.57 10.61
C ALA C 239 -23.90 0.19 9.21
N ARG C 240 -24.84 0.93 8.68
CA ARG C 240 -25.39 0.63 7.37
C ARG C 240 -24.28 0.76 6.35
N ALA C 241 -23.49 1.80 6.47
CA ALA C 241 -22.36 2.00 5.55
C ALA C 241 -21.28 0.93 5.69
N MET C 242 -20.99 0.50 6.92
CA MET C 242 -20.03 -0.56 7.12
C MET C 242 -20.49 -1.80 6.37
N VAL C 243 -21.80 -2.07 6.49
CA VAL C 243 -22.35 -3.25 5.84
C VAL C 243 -22.22 -3.16 4.32
N VAL C 244 -22.58 -2.02 3.73
CA VAL C 244 -22.40 -1.89 2.28
C VAL C 244 -20.93 -2.02 1.87
N LYS C 245 -20.06 -1.32 2.59
CA LYS C 245 -18.64 -1.32 2.31
C LYS C 245 -18.07 -2.73 2.25
N TRP C 246 -18.35 -3.53 3.27
CA TRP C 246 -17.76 -4.87 3.30
C TRP C 246 -18.49 -5.89 2.42
N GLN C 247 -19.80 -5.74 2.25
CA GLN C 247 -20.51 -6.59 1.28
C GLN C 247 -20.07 -6.30 -0.18
N SER C 248 -19.52 -5.11 -0.41
CA SER C 248 -19.06 -4.75 -1.75
C SER C 248 -17.59 -5.12 -1.95
N GLY C 249 -17.02 -5.73 -0.93
CA GLY C 249 -15.66 -6.22 -1.00
C GLY C 249 -14.60 -5.14 -0.83
N LEU C 250 -14.98 -3.97 -0.27
CA LEU C 250 -13.99 -2.90 -0.19
C LEU C 250 -13.34 -3.05 1.18
N ASN C 251 -12.21 -3.72 1.18
CA ASN C 251 -11.60 -4.11 2.44
C ASN C 251 -10.88 -2.93 3.02
N GLY C 252 -10.66 -2.97 4.32
CA GLY C 252 -10.12 -1.84 5.02
C GLY C 252 -11.07 -1.29 6.06
N GLY C 253 -10.53 -0.41 6.89
CA GLY C 253 -11.26 0.05 8.05
C GLY C 253 -11.95 1.38 7.81
N LEU C 254 -12.53 1.91 8.89
CA LEU C 254 -13.22 3.20 8.83
C LEU C 254 -12.84 3.99 10.06
N VAL C 255 -12.59 5.29 9.90
CA VAL C 255 -12.39 6.14 11.07
C VAL C 255 -13.71 6.83 11.42
N VAL C 256 -14.17 6.69 12.66
CA VAL C 256 -15.31 7.48 13.12
C VAL C 256 -14.75 8.50 14.10
N ALA C 257 -14.70 9.75 13.66
CA ALA C 257 -14.15 10.83 14.46
C ALA C 257 -15.30 11.40 15.28
N ASN C 258 -15.21 11.20 16.59
CA ASN C 258 -16.26 11.55 17.55
C ASN C 258 -15.72 12.65 18.47
N PRO C 259 -16.30 13.86 18.38
CA PRO C 259 -15.81 14.99 19.16
C PRO C 259 -15.87 14.71 20.64
N ILE C 260 -14.83 15.11 21.36
CA ILE C 260 -14.80 15.02 22.83
C ILE C 260 -15.96 15.84 23.42
N PRO C 261 -16.58 15.33 24.51
CA PRO C 261 -17.76 16.07 25.00
C PRO C 261 -17.39 17.49 25.39
N GLU C 262 -18.34 18.40 25.22
CA GLU C 262 -18.10 19.81 25.47
C GLU C 262 -17.52 20.03 26.87
N GLN C 263 -18.06 19.31 27.86
CA GLN C 263 -17.59 19.42 29.23
C GLN C 263 -16.07 19.30 29.35
N PHE C 264 -15.50 18.37 28.59
CA PHE C 264 -14.06 18.11 28.65
C PHE C 264 -13.25 18.76 27.51
N ALA C 265 -13.94 19.47 26.63
CA ALA C 265 -13.32 20.01 25.42
C ALA C 265 -12.46 21.23 25.67
N MET C 266 -11.56 21.50 24.72
CA MET C 266 -10.71 22.68 24.77
C MET C 266 -10.91 23.54 23.53
N PRO C 267 -10.88 24.88 23.70
CA PRO C 267 -11.07 25.77 22.55
C PRO C 267 -10.00 25.59 21.47
N GLU C 268 -10.45 25.49 20.22
CA GLU C 268 -9.55 25.31 19.09
C GLU C 268 -8.56 26.46 18.97
N HIS C 269 -8.98 27.67 19.29
CA HIS C 269 -8.07 28.82 19.14
C HIS C 269 -6.90 28.75 20.10
N THR C 270 -7.15 28.28 21.33
CA THR C 270 -6.09 28.22 22.31
C THR C 270 -5.15 27.08 21.97
N ILE C 271 -5.73 25.93 21.63
CA ILE C 271 -4.93 24.77 21.26
C ILE C 271 -4.04 25.07 20.05
N ASN C 272 -4.63 25.67 19.01
CA ASN C 272 -3.86 26.05 17.82
C ASN C 272 -2.79 27.09 18.14
N ALA C 273 -3.14 28.06 18.98
CA ALA C 273 -2.17 29.08 19.40
C ALA C 273 -0.96 28.40 20.03
N ALA C 274 -1.24 27.44 20.91
CA ALA C 274 -0.20 26.73 21.64
C ALA C 274 0.66 25.89 20.71
N ILE C 275 0.03 25.16 19.79
CA ILE C 275 0.79 24.35 18.84
C ILE C 275 1.67 25.22 17.95
N ASP C 276 1.09 26.23 17.29
CA ASP C 276 1.88 27.13 16.47
C ASP C 276 3.07 27.68 17.25
N GLN C 277 2.85 28.06 18.51
CA GLN C 277 3.94 28.53 19.36
C GLN C 277 5.03 27.46 19.56
N ALA C 278 4.61 26.26 19.93
CA ALA C 278 5.51 25.15 20.20
C ALA C 278 6.31 24.70 18.97
N VAL C 279 5.69 24.85 17.80
CA VAL C 279 6.32 24.49 16.52
C VAL C 279 7.28 25.59 16.08
N ALA C 280 6.96 26.83 16.43
CA ALA C 280 7.87 27.94 16.20
C ALA C 280 9.11 27.81 17.08
N GLU C 281 8.91 27.33 18.30
CA GLU C 281 10.00 27.16 19.26
C GLU C 281 10.88 25.94 18.96
N ALA C 282 10.25 24.86 18.51
CA ALA C 282 10.98 23.66 18.11
C ALA C 282 11.92 23.95 16.94
N GLU C 283 11.50 24.88 16.07
CA GLU C 283 12.29 25.24 14.89
C GLU C 283 13.70 25.66 15.27
N ALA C 284 13.85 26.25 16.45
CA ALA C 284 15.15 26.64 16.96
C ALA C 284 15.13 26.79 18.47
N GLY C 289 13.89 15.88 15.80
CA GLY C 289 13.67 14.75 14.90
C GLY C 289 12.70 13.75 15.48
N LYS C 290 13.23 12.74 16.17
CA LYS C 290 12.41 11.81 16.93
C LYS C 290 11.87 12.52 18.16
N GLU C 291 12.51 13.63 18.50
CA GLU C 291 12.14 14.42 19.68
C GLU C 291 11.08 15.47 19.35
N SER C 292 10.78 15.63 18.07
CA SER C 292 9.83 16.66 17.64
C SER C 292 8.41 16.48 18.22
N THR C 293 7.83 15.31 17.97
CA THR C 293 6.45 15.05 18.35
C THR C 293 6.19 15.16 19.87
N PRO C 294 6.92 14.38 20.69
CA PRO C 294 6.65 14.44 22.13
C PRO C 294 7.05 15.79 22.72
N PHE C 295 8.01 16.47 22.09
CA PHE C 295 8.35 17.82 22.50
C PHE C 295 7.14 18.72 22.34
N LEU C 296 6.50 18.61 21.18
CA LEU C 296 5.28 19.37 20.91
C LEU C 296 4.17 19.00 21.89
N LEU C 297 4.03 17.71 22.17
CA LEU C 297 3.02 17.25 23.12
C LEU C 297 3.22 17.94 24.47
N ALA C 298 4.40 17.75 25.04
CA ALA C 298 4.75 18.33 26.34
C ALA C 298 4.56 19.85 26.37
N ARG C 299 5.08 20.53 25.34
CA ARG C 299 4.98 21.98 25.29
C ARG C 299 3.53 22.46 25.25
N VAL C 300 2.74 21.91 24.33
CA VAL C 300 1.34 22.29 24.24
C VAL C 300 0.60 22.03 25.55
N ALA C 301 0.91 20.90 26.18
CA ALA C 301 0.40 20.59 27.52
C ALA C 301 0.68 21.73 28.50
N GLU C 302 1.94 22.12 28.58
CA GLU C 302 2.36 23.20 29.47
C GLU C 302 1.64 24.52 29.16
N LEU C 303 1.52 24.87 27.89
CA LEU C 303 0.95 26.15 27.49
C LEU C 303 -0.56 26.25 27.78
N THR C 304 -1.30 25.25 27.34
CA THR C 304 -2.75 25.27 27.48
C THR C 304 -3.26 24.79 28.84
N GLY C 305 -2.42 24.05 29.56
CA GLY C 305 -2.84 23.42 30.80
C GLY C 305 -3.62 22.12 30.54
N GLY C 306 -3.79 21.79 29.27
CA GLY C 306 -4.48 20.57 28.88
C GLY C 306 -3.76 19.34 29.40
N ASP C 307 -4.52 18.34 29.83
CA ASP C 307 -3.93 17.14 30.42
C ASP C 307 -4.24 15.93 29.55
N SER C 308 -3.22 15.42 28.88
CA SER C 308 -3.40 14.35 27.89
C SER C 308 -4.09 13.10 28.45
N LEU C 309 -3.66 12.65 29.62
CA LEU C 309 -4.20 11.43 30.21
C LEU C 309 -5.70 11.55 30.58
N LYS C 310 -6.04 12.58 31.34
CA LYS C 310 -7.43 12.78 31.76
C LYS C 310 -8.36 12.91 30.55
N SER C 311 -7.93 13.74 29.59
CA SER C 311 -8.69 13.93 28.37
C SER C 311 -8.87 12.61 27.65
N ASN C 312 -7.80 11.83 27.58
CA ASN C 312 -7.86 10.56 26.86
C ASN C 312 -8.85 9.59 27.49
N ILE C 313 -8.84 9.51 28.82
CA ILE C 313 -9.83 8.69 29.53
C ILE C 313 -11.24 9.12 29.14
N GLN C 314 -11.47 10.43 29.14
CA GLN C 314 -12.78 10.94 28.77
C GLN C 314 -13.15 10.50 27.35
N LEU C 315 -12.20 10.63 26.44
CA LEU C 315 -12.38 10.24 25.06
C LEU C 315 -12.77 8.76 24.97
N VAL C 316 -12.07 7.92 25.71
CA VAL C 316 -12.34 6.50 25.64
C VAL C 316 -13.74 6.14 26.15
N PHE C 317 -14.17 6.76 27.25
CA PHE C 317 -15.54 6.50 27.70
C PHE C 317 -16.55 6.91 26.63
N ASN C 318 -16.44 8.15 26.17
CA ASN C 318 -17.32 8.67 25.14
C ASN C 318 -17.39 7.75 23.89
N ASN C 319 -16.21 7.42 23.38
CA ASN C 319 -16.12 6.62 22.17
C ASN C 319 -16.63 5.20 22.43
N ALA C 320 -16.49 4.75 23.67
CA ALA C 320 -16.95 3.42 24.04
C ALA C 320 -18.47 3.35 23.98
N ILE C 321 -19.12 4.46 24.34
CA ILE C 321 -20.58 4.51 24.21
C ILE C 321 -21.02 4.49 22.75
N LEU C 322 -20.47 5.42 21.96
CA LEU C 322 -20.78 5.45 20.52
C LEU C 322 -20.50 4.11 19.83
N ALA C 323 -19.36 3.52 20.16
CA ALA C 323 -18.96 2.25 19.59
C ALA C 323 -19.93 1.14 19.96
N SER C 324 -20.40 1.13 21.22
CA SER C 324 -21.38 0.15 21.62
C SER C 324 -22.62 0.28 20.73
N GLU C 325 -23.03 1.52 20.48
CA GLU C 325 -24.20 1.73 19.63
C GLU C 325 -23.98 1.21 18.18
N ILE C 326 -22.83 1.55 17.63
CA ILE C 326 -22.51 1.13 16.27
C ILE C 326 -22.50 -0.38 16.20
N ALA C 327 -21.90 -1.02 17.22
CA ALA C 327 -21.84 -2.48 17.28
C ALA C 327 -23.24 -3.11 17.33
N LYS C 328 -24.12 -2.55 18.15
CA LYS C 328 -25.50 -3.02 18.21
C LYS C 328 -26.19 -2.93 16.83
N GLU C 329 -26.11 -1.76 16.21
CA GLU C 329 -26.71 -1.57 14.89
C GLU C 329 -26.12 -2.44 13.79
N TYR C 330 -24.81 -2.66 13.84
CA TYR C 330 -24.15 -3.50 12.86
C TYR C 330 -24.65 -4.92 13.03
N GLN C 331 -24.68 -5.38 14.28
CA GLN C 331 -25.18 -6.70 14.57
C GLN C 331 -26.59 -6.85 14.00
N ARG C 332 -27.43 -5.83 14.20
CA ARG C 332 -28.77 -5.86 13.61
C ARG C 332 -28.75 -5.99 12.09
N LEU C 333 -27.91 -5.19 11.43
CA LEU C 333 -27.94 -5.08 9.98
C LEU C 333 -27.22 -6.17 9.20
N ALA C 334 -26.33 -6.89 9.87
CA ALA C 334 -25.60 -7.98 9.20
C ALA C 334 -26.08 -9.34 9.71
#